data_1EYZ
#
_entry.id   1EYZ
#
_cell.length_a   62.300
_cell.length_b   179.500
_cell.length_c   75.700
_cell.angle_alpha   90.00
_cell.angle_beta   90.00
_cell.angle_gamma   90.00
#
_symmetry.space_group_name_H-M   'P 21 21 2'
#
loop_
_entity.id
_entity.type
_entity.pdbx_description
1 polymer 'PHOSPHORIBOSYLGLYCINAMIDE FORMYLTRANSFERASE 2'
2 non-polymer 'MAGNESIUM ION'
3 non-polymer 'SODIUM ION'
4 non-polymer 'CHLORIDE ION'
5 non-polymer 'PHOSPHOAMINOPHOSPHONIC ACID-ADENYLATE ESTER'
6 non-polymer '3[N-MORPHOLINO]PROPANE SULFONIC ACID'
7 water water
#
_entity_poly.entity_id   1
_entity_poly.type   'polypeptide(L)'
_entity_poly.pdbx_seq_one_letter_code
;MTLLGTALRPAATRVMLLGSGELGKEVAIECQRLGVEVIAVDRYADAPAMHVAHRSHVINMLDGDALRRVVELEKPHYIV
PEIEAIATDMLIQLEEEGLNVVPCARATKLTMNREGIRRLAAEELQLPTSTYRFADSESLFREAVADIGYPCIVKPVMSS
SGKGQTFIRSAEQLAQAWKYAQQGGRAGAGRVIVEGVVKFDFEITLLTVSAVDGVHFCAPVGHRQEDGDYRESWQPQQMS
PLALERAQEIARKVVLALGGYGLFGVELFVCGDEVIFSEVSPRPHDTGMVTLISQDLSEFALHVRAFLGLPVGGIRQYGP
AASAVILPQLTSQNVTFDNVQNAVGADLQIRLFGKPEIDGSRRLGVALATAESVVDAIERAKHAAGQVKVQG
;
_entity_poly.pdbx_strand_id   A,B
#
# COMPACT_ATOMS: atom_id res chain seq x y z
N THR A 2 -4.33 22.87 -3.15
CA THR A 2 -4.44 21.86 -2.13
C THR A 2 -3.30 21.87 -1.15
N LEU A 3 -3.65 21.99 0.11
CA LEU A 3 -2.74 22.01 1.25
C LEU A 3 -3.00 20.85 2.19
N LEU A 4 -1.96 20.06 2.48
CA LEU A 4 -2.12 18.96 3.41
C LEU A 4 -1.24 19.18 4.61
N GLY A 5 -1.71 18.84 5.80
CA GLY A 5 -0.89 19.01 7.00
C GLY A 5 -0.16 17.72 7.30
N THR A 6 0.41 17.57 8.50
CA THR A 6 1.10 16.34 8.90
C THR A 6 0.28 15.61 9.94
N ALA A 7 0.00 14.31 9.74
CA ALA A 7 -0.81 13.61 10.75
C ALA A 7 -0.23 13.73 12.14
N LEU A 8 -1.13 13.97 13.08
CA LEU A 8 -0.82 14.09 14.50
C LEU A 8 -0.34 15.45 14.99
N ARG A 9 -0.08 16.35 14.04
CA ARG A 9 0.36 17.72 14.33
C ARG A 9 -0.86 18.60 14.26
N PRO A 10 -0.75 19.77 14.82
CA PRO A 10 -1.85 20.70 14.86
C PRO A 10 -2.52 21.02 13.55
N ALA A 11 -1.75 21.14 12.47
CA ALA A 11 -2.31 21.46 11.19
C ALA A 11 -2.74 20.21 10.39
N ALA A 12 -2.76 19.05 11.05
CA ALA A 12 -3.13 17.80 10.40
C ALA A 12 -4.40 17.82 9.58
N THR A 13 -4.44 17.00 8.50
CA THR A 13 -5.63 16.86 7.69
C THR A 13 -6.29 15.61 8.22
N ARG A 14 -7.54 15.71 8.70
CA ARG A 14 -8.18 14.56 9.32
C ARG A 14 -9.32 13.99 8.50
N VAL A 15 -9.23 12.67 8.33
CA VAL A 15 -10.20 11.87 7.60
C VAL A 15 -10.89 10.87 8.54
N MET A 16 -12.24 10.89 8.52
CA MET A 16 -13.00 9.94 9.31
C MET A 16 -13.64 8.89 8.40
N LEU A 17 -13.34 7.63 8.69
CA LEU A 17 -13.87 6.52 7.92
C LEU A 17 -15.07 5.95 8.68
N LEU A 18 -16.23 6.00 8.01
CA LEU A 18 -17.49 5.44 8.56
C LEU A 18 -17.69 4.07 7.87
N GLY A 19 -17.12 3.06 8.53
CA GLY A 19 -17.04 1.69 8.03
C GLY A 19 -15.53 1.45 7.80
N SER A 20 -15.02 0.46 8.50
CA SER A 20 -13.63 0.07 8.55
C SER A 20 -13.35 -1.36 8.03
N GLY A 21 -14.08 -1.79 6.98
CA GLY A 21 -13.90 -3.12 6.40
C GLY A 21 -12.66 -3.09 5.52
N GLU A 22 -12.48 -4.13 4.71
CA GLU A 22 -11.35 -4.26 3.80
C GLU A 22 -11.26 -3.13 2.79
N LEU A 23 -12.41 -2.56 2.40
CA LEU A 23 -12.42 -1.46 1.44
C LEU A 23 -11.87 -0.19 2.13
N GLY A 24 -12.36 0.07 3.34
CA GLY A 24 -11.89 1.22 4.12
C GLY A 24 -10.40 1.07 4.46
N LYS A 25 -9.96 -0.18 4.70
CA LYS A 25 -8.57 -0.49 5.03
C LYS A 25 -7.58 0.05 3.98
N GLU A 26 -7.92 -0.10 2.70
CA GLU A 26 -7.10 0.40 1.63
C GLU A 26 -7.20 1.91 1.53
N VAL A 27 -8.38 2.48 1.85
CA VAL A 27 -8.49 3.93 1.83
C VAL A 27 -7.57 4.48 2.93
N ALA A 28 -7.58 3.82 4.10
CA ALA A 28 -6.73 4.22 5.24
C ALA A 28 -5.26 4.24 4.83
N ILE A 29 -4.84 3.16 4.18
CA ILE A 29 -3.45 3.04 3.73
C ILE A 29 -3.10 4.16 2.76
N GLU A 30 -3.96 4.40 1.81
CA GLU A 30 -3.69 5.46 0.92
C GLU A 30 -3.68 6.83 1.61
N CYS A 31 -4.48 7.02 2.66
CA CYS A 31 -4.47 8.30 3.37
C CYS A 31 -3.13 8.41 4.13
N GLN A 32 -2.77 7.36 4.83
CA GLN A 32 -1.55 7.31 5.56
C GLN A 32 -0.33 7.54 4.67
N ARG A 33 -0.40 7.12 3.40
CA ARG A 33 0.73 7.30 2.49
C ARG A 33 1.00 8.76 2.13
N LEU A 34 0.00 9.61 2.42
CA LEU A 34 0.03 11.05 2.19
C LEU A 34 0.15 11.81 3.55
N GLY A 35 0.38 11.07 4.65
CA GLY A 35 0.51 11.67 5.96
C GLY A 35 -0.81 12.27 6.48
N VAL A 36 -1.92 11.73 5.97
CA VAL A 36 -3.27 12.12 6.33
C VAL A 36 -3.64 11.41 7.61
N GLU A 37 -4.23 12.16 8.56
CA GLU A 37 -4.59 11.57 9.83
C GLU A 37 -5.90 10.78 9.63
N VAL A 38 -5.95 9.58 10.18
CA VAL A 38 -7.08 8.71 9.99
C VAL A 38 -7.75 8.18 11.27
N ILE A 39 -9.08 8.42 11.36
CA ILE A 39 -9.88 7.94 12.47
C ILE A 39 -10.88 6.92 11.89
N ALA A 40 -10.75 5.68 12.30
CA ALA A 40 -11.60 4.63 11.75
C ALA A 40 -12.70 4.27 12.72
N VAL A 41 -13.90 4.28 12.13
CA VAL A 41 -15.11 3.97 12.87
C VAL A 41 -15.88 2.77 12.28
N ASP A 42 -16.49 1.96 13.17
CA ASP A 42 -17.31 0.84 12.74
C ASP A 42 -18.19 0.41 13.90
N ARG A 43 -18.93 -0.68 13.70
CA ARG A 43 -19.85 -1.24 14.71
C ARG A 43 -19.22 -2.39 15.52
N TYR A 44 -17.96 -2.71 15.26
CA TYR A 44 -17.28 -3.77 16.00
C TYR A 44 -15.82 -3.41 16.17
N ALA A 45 -15.15 -3.94 17.18
CA ALA A 45 -13.77 -3.62 17.39
C ALA A 45 -12.80 -4.40 16.50
N ASP A 46 -11.58 -3.86 16.35
CA ASP A 46 -10.51 -4.45 15.58
C ASP A 46 -10.85 -4.72 14.13
N ALA A 47 -11.77 -3.92 13.58
CA ALA A 47 -12.13 -4.01 12.18
C ALA A 47 -10.90 -3.67 11.32
N PRO A 48 -10.73 -4.31 10.18
CA PRO A 48 -9.59 -4.10 9.27
C PRO A 48 -8.96 -2.71 9.21
N ALA A 49 -9.74 -1.68 8.83
CA ALA A 49 -9.23 -0.33 8.74
C ALA A 49 -8.67 0.21 10.06
N MET A 50 -9.20 -0.27 11.19
CA MET A 50 -8.73 0.14 12.48
C MET A 50 -7.28 -0.26 12.71
N HIS A 51 -6.90 -1.35 12.06
CA HIS A 51 -5.53 -1.84 12.18
C HIS A 51 -4.48 -0.81 11.71
N VAL A 52 -4.83 -0.01 10.71
CA VAL A 52 -3.91 0.97 10.12
C VAL A 52 -4.34 2.44 10.32
N ALA A 53 -5.13 2.71 11.35
CA ALA A 53 -5.62 4.07 11.62
C ALA A 53 -4.91 4.70 12.80
N HIS A 54 -4.90 6.02 12.86
CA HIS A 54 -4.29 6.61 14.03
C HIS A 54 -5.14 6.29 15.25
N ARG A 55 -6.49 6.39 15.13
CA ARG A 55 -7.37 6.11 16.29
C ARG A 55 -8.62 5.49 15.79
N SER A 56 -9.32 4.76 16.68
CA SER A 56 -10.58 4.09 16.32
C SER A 56 -11.66 4.24 17.37
N HIS A 57 -12.89 4.19 16.87
CA HIS A 57 -14.09 4.24 17.68
C HIS A 57 -15.09 3.23 17.18
N VAL A 58 -15.87 2.70 18.12
CA VAL A 58 -16.94 1.73 17.84
C VAL A 58 -18.26 2.38 18.29
N ILE A 59 -19.17 2.65 17.33
CA ILE A 59 -20.46 3.26 17.66
C ILE A 59 -21.55 2.67 16.80
N ASN A 60 -22.75 3.19 17.01
CA ASN A 60 -23.90 2.81 16.24
C ASN A 60 -23.88 3.80 15.09
N MET A 61 -23.51 3.32 13.93
CA MET A 61 -23.39 4.21 12.79
C MET A 61 -24.70 4.67 12.21
N LEU A 62 -25.73 4.00 12.66
CA LEU A 62 -27.07 4.32 12.25
C LEU A 62 -27.69 5.33 13.19
N ASP A 63 -27.02 5.58 14.32
CA ASP A 63 -27.46 6.51 15.31
C ASP A 63 -26.91 7.89 15.00
N GLY A 64 -27.79 8.80 14.56
CA GLY A 64 -27.41 10.17 14.22
C GLY A 64 -26.71 10.96 15.35
N ASP A 65 -27.15 10.73 16.59
CA ASP A 65 -26.57 11.42 17.72
C ASP A 65 -25.14 10.92 17.99
N ALA A 66 -25.01 9.58 17.88
CA ALA A 66 -23.75 8.89 18.09
C ALA A 66 -22.76 9.40 17.05
N LEU A 67 -23.26 9.61 15.84
CA LEU A 67 -22.48 10.10 14.74
C LEU A 67 -22.02 11.51 15.01
N ARG A 68 -22.97 12.33 15.40
CA ARG A 68 -22.64 13.69 15.72
C ARG A 68 -21.62 13.72 16.86
N ARG A 69 -21.80 12.82 17.80
CA ARG A 69 -20.86 12.82 18.94
C ARG A 69 -19.41 12.57 18.55
N VAL A 70 -19.21 11.54 17.73
CA VAL A 70 -17.85 11.22 17.37
C VAL A 70 -17.28 12.26 16.47
N VAL A 71 -18.12 12.80 15.62
CA VAL A 71 -17.63 13.81 14.73
C VAL A 71 -17.23 15.07 15.51
N GLU A 72 -17.99 15.37 16.56
CA GLU A 72 -17.66 16.55 17.34
C GLU A 72 -16.38 16.28 18.07
N LEU A 73 -16.26 15.06 18.55
CA LEU A 73 -15.07 14.70 19.27
C LEU A 73 -13.78 14.73 18.46
N GLU A 74 -13.82 14.23 17.22
CA GLU A 74 -12.62 14.11 16.39
C GLU A 74 -12.37 15.22 15.39
N LYS A 75 -13.42 15.97 15.10
CA LYS A 75 -13.33 17.07 14.18
C LYS A 75 -12.61 16.77 12.86
N PRO A 76 -13.05 15.72 12.21
CA PRO A 76 -12.45 15.36 10.93
C PRO A 76 -12.75 16.43 9.89
N HIS A 77 -11.89 16.53 8.86
CA HIS A 77 -12.15 17.44 7.73
C HIS A 77 -13.06 16.76 6.72
N TYR A 78 -12.91 15.43 6.63
CA TYR A 78 -13.68 14.59 5.72
C TYR A 78 -14.31 13.40 6.42
N ILE A 79 -15.56 13.09 6.01
CA ILE A 79 -16.25 11.92 6.52
C ILE A 79 -16.43 11.02 5.28
N VAL A 80 -15.81 9.83 5.35
CA VAL A 80 -15.76 8.85 4.28
C VAL A 80 -16.46 7.51 4.61
N PRO A 81 -17.73 7.39 4.21
CA PRO A 81 -18.53 6.18 4.45
C PRO A 81 -18.14 5.05 3.55
N GLU A 82 -18.11 3.90 4.15
CA GLU A 82 -17.71 2.70 3.43
C GLU A 82 -18.92 1.84 3.06
N ILE A 83 -20.03 2.01 3.81
CA ILE A 83 -21.28 1.27 3.68
C ILE A 83 -22.54 2.12 3.48
N GLU A 84 -23.65 1.44 3.20
CA GLU A 84 -24.93 2.05 2.98
C GLU A 84 -25.68 2.36 4.29
N ALA A 85 -25.52 1.49 5.26
CA ALA A 85 -26.16 1.57 6.57
C ALA A 85 -25.64 2.64 7.51
N ILE A 86 -25.88 3.91 7.15
CA ILE A 86 -25.43 5.01 7.98
C ILE A 86 -26.50 6.07 8.12
N ALA A 87 -26.45 6.79 9.25
CA ALA A 87 -27.38 7.89 9.51
C ALA A 87 -27.25 9.03 8.49
N THR A 88 -27.67 8.75 7.26
CA THR A 88 -27.55 9.74 6.18
C THR A 88 -28.22 11.08 6.47
N ASP A 89 -29.21 11.08 7.36
CA ASP A 89 -29.86 12.35 7.68
C ASP A 89 -28.92 13.30 8.43
N MET A 90 -28.14 12.71 9.33
CA MET A 90 -27.17 13.46 10.10
C MET A 90 -26.01 13.90 9.21
N LEU A 91 -25.71 13.07 8.21
CA LEU A 91 -24.61 13.41 7.34
C LEU A 91 -24.95 14.70 6.65
N ILE A 92 -26.24 14.79 6.28
CA ILE A 92 -26.74 15.98 5.61
C ILE A 92 -26.56 17.24 6.48
N GLN A 93 -26.90 17.12 7.75
CA GLN A 93 -26.79 18.18 8.75
C GLN A 93 -25.35 18.65 8.86
N LEU A 94 -24.52 17.66 9.12
CA LEU A 94 -23.12 17.92 9.28
C LEU A 94 -22.58 18.61 8.06
N GLU A 95 -23.01 18.14 6.90
CA GLU A 95 -22.51 18.73 5.68
C GLU A 95 -22.82 20.19 5.62
N GLU A 96 -24.06 20.49 5.98
CA GLU A 96 -24.51 21.87 6.01
C GLU A 96 -23.69 22.62 7.05
N GLU A 97 -23.39 21.92 8.16
CA GLU A 97 -22.63 22.47 9.26
C GLU A 97 -21.19 22.68 8.89
N GLY A 98 -20.87 22.46 7.60
CA GLY A 98 -19.51 22.65 7.10
C GLY A 98 -18.67 21.39 6.81
N LEU A 99 -19.15 20.23 7.22
CA LEU A 99 -18.40 19.00 6.99
C LEU A 99 -18.42 18.48 5.55
N ASN A 100 -17.26 17.98 5.13
CA ASN A 100 -17.07 17.41 3.82
C ASN A 100 -17.41 15.92 3.92
N VAL A 101 -18.56 15.59 3.36
CA VAL A 101 -19.05 14.24 3.32
C VAL A 101 -18.68 13.69 1.94
N VAL A 102 -17.96 12.59 1.89
CA VAL A 102 -17.56 12.08 0.58
C VAL A 102 -18.50 11.01 -0.01
N PRO A 103 -18.92 11.14 -1.29
CA PRO A 103 -18.62 12.24 -2.17
C PRO A 103 -19.45 13.48 -1.86
N CYS A 104 -20.62 13.26 -1.28
CA CYS A 104 -21.59 14.26 -0.83
C CYS A 104 -22.68 13.56 -0.05
N ALA A 105 -23.29 14.27 0.89
CA ALA A 105 -24.32 13.70 1.73
C ALA A 105 -25.52 13.17 0.92
N ARG A 106 -25.93 13.93 -0.11
CA ARG A 106 -27.03 13.53 -0.96
C ARG A 106 -26.75 12.19 -1.68
N ALA A 107 -25.50 12.01 -2.14
CA ALA A 107 -25.14 10.78 -2.84
C ALA A 107 -25.36 9.68 -1.89
N THR A 108 -25.02 9.95 -0.66
CA THR A 108 -25.20 8.92 0.33
C THR A 108 -26.65 8.60 0.64
N LYS A 109 -27.50 9.62 0.69
CA LYS A 109 -28.89 9.39 0.97
C LYS A 109 -29.59 8.64 -0.16
N LEU A 110 -29.40 9.11 -1.39
CA LEU A 110 -29.99 8.48 -2.56
C LEU A 110 -29.68 6.98 -2.68
N THR A 111 -28.45 6.61 -2.38
CA THR A 111 -28.03 5.22 -2.52
C THR A 111 -28.19 4.30 -1.33
N MET A 112 -28.69 4.78 -0.22
CA MET A 112 -28.81 3.81 0.87
C MET A 112 -30.11 3.00 0.78
N ASN A 113 -30.99 3.44 -0.10
CA ASN A 113 -32.27 2.86 -0.32
C ASN A 113 -32.46 2.81 -1.81
N ARG A 114 -32.81 1.64 -2.30
CA ARG A 114 -32.97 1.47 -3.73
C ARG A 114 -33.92 2.41 -4.35
N GLU A 115 -34.90 2.86 -3.55
CA GLU A 115 -35.90 3.74 -4.08
C GLU A 115 -35.36 5.08 -4.53
N GLY A 116 -34.44 5.62 -3.75
CA GLY A 116 -33.91 6.90 -4.14
C GLY A 116 -33.13 6.81 -5.43
N ILE A 117 -32.19 5.87 -5.45
CA ILE A 117 -31.33 5.67 -6.60
C ILE A 117 -32.06 5.22 -7.87
N ARG A 118 -32.93 4.22 -7.75
CA ARG A 118 -33.66 3.75 -8.94
C ARG A 118 -34.52 4.81 -9.59
N ARG A 119 -35.28 5.52 -8.77
CA ARG A 119 -36.14 6.55 -9.30
C ARG A 119 -35.33 7.67 -9.87
N LEU A 120 -34.20 8.00 -9.29
CA LEU A 120 -33.43 9.07 -9.91
C LEU A 120 -32.91 8.66 -11.29
N ALA A 121 -32.29 7.47 -11.34
CA ALA A 121 -31.73 7.03 -12.61
C ALA A 121 -32.72 6.89 -13.73
N ALA A 122 -33.76 6.12 -13.41
CA ALA A 122 -34.80 5.82 -14.36
C ALA A 122 -35.76 6.91 -14.67
N GLU A 123 -36.28 7.58 -13.65
CA GLU A 123 -37.27 8.65 -13.86
C GLU A 123 -36.67 10.04 -14.13
N GLU A 124 -35.76 10.46 -13.26
CA GLU A 124 -35.14 11.77 -13.38
C GLU A 124 -34.09 11.89 -14.48
N LEU A 125 -33.15 10.91 -14.51
CA LEU A 125 -32.07 10.89 -15.49
C LEU A 125 -32.44 10.19 -16.79
N GLN A 126 -33.53 9.44 -16.74
CA GLN A 126 -34.01 8.74 -17.91
C GLN A 126 -32.97 7.75 -18.45
N LEU A 127 -32.24 7.12 -17.54
CA LEU A 127 -31.24 6.12 -17.93
C LEU A 127 -31.90 4.75 -18.10
N PRO A 128 -31.34 3.86 -18.95
CA PRO A 128 -31.94 2.56 -19.12
C PRO A 128 -31.76 1.69 -17.89
N THR A 129 -32.85 1.03 -17.43
CA THR A 129 -32.78 0.14 -16.26
C THR A 129 -33.74 -0.99 -16.46
N SER A 130 -33.71 -2.00 -15.58
CA SER A 130 -34.69 -3.07 -15.65
C SER A 130 -36.08 -2.48 -15.32
N THR A 131 -37.12 -3.23 -15.57
CA THR A 131 -38.42 -2.73 -15.18
C THR A 131 -38.43 -2.91 -13.68
N TYR A 132 -39.22 -2.11 -12.95
CA TYR A 132 -39.27 -2.29 -11.51
C TYR A 132 -40.61 -1.85 -10.91
N ARG A 133 -40.91 -2.42 -9.74
CA ARG A 133 -42.08 -2.02 -8.97
C ARG A 133 -41.69 -2.12 -7.51
N PHE A 134 -42.12 -1.14 -6.71
CA PHE A 134 -41.87 -1.18 -5.29
C PHE A 134 -43.11 -1.73 -4.61
N ALA A 135 -42.96 -2.33 -3.45
CA ALA A 135 -44.10 -2.87 -2.75
C ALA A 135 -43.86 -2.83 -1.25
N ASP A 136 -44.88 -2.44 -0.46
CA ASP A 136 -44.68 -2.39 0.98
C ASP A 136 -45.59 -3.30 1.77
N SER A 137 -46.24 -4.21 1.10
CA SER A 137 -47.09 -5.19 1.70
C SER A 137 -47.08 -6.42 0.84
N GLU A 138 -47.35 -7.56 1.45
CA GLU A 138 -47.37 -8.80 0.72
C GLU A 138 -48.35 -8.77 -0.42
N SER A 139 -49.47 -8.14 -0.21
CA SER A 139 -50.41 -8.10 -1.28
C SER A 139 -49.92 -7.24 -2.39
N LEU A 140 -49.33 -6.11 -2.02
CA LEU A 140 -48.86 -5.23 -3.03
C LEU A 140 -47.67 -5.85 -3.76
N PHE A 141 -47.03 -6.69 -2.99
CA PHE A 141 -45.90 -7.44 -3.46
C PHE A 141 -46.40 -8.28 -4.63
N ARG A 142 -47.46 -9.03 -4.39
CA ARG A 142 -48.02 -9.85 -5.44
C ARG A 142 -48.55 -9.14 -6.64
N GLU A 143 -49.17 -7.98 -6.39
CA GLU A 143 -49.65 -7.23 -7.52
C GLU A 143 -48.47 -6.82 -8.40
N ALA A 144 -47.34 -6.47 -7.74
CA ALA A 144 -46.14 -6.05 -8.45
C ALA A 144 -45.64 -7.17 -9.36
N VAL A 145 -45.48 -8.33 -8.75
CA VAL A 145 -45.03 -9.47 -9.50
C VAL A 145 -45.92 -9.73 -10.69
N ALA A 146 -47.24 -9.72 -10.50
CA ALA A 146 -48.10 -9.97 -11.62
C ALA A 146 -47.89 -9.00 -12.75
N ASP A 147 -47.59 -7.77 -12.41
CA ASP A 147 -47.41 -6.76 -13.40
C ASP A 147 -46.03 -6.87 -14.04
N ILE A 148 -45.05 -7.24 -13.21
CA ILE A 148 -43.68 -7.35 -13.69
C ILE A 148 -43.51 -8.58 -14.55
N GLY A 149 -44.10 -9.69 -14.12
CA GLY A 149 -43.98 -10.94 -14.83
C GLY A 149 -42.81 -11.77 -14.32
N TYR A 150 -42.74 -13.02 -14.75
CA TYR A 150 -41.68 -13.94 -14.36
C TYR A 150 -40.72 -14.18 -15.51
N PRO A 151 -39.45 -14.40 -15.18
CA PRO A 151 -39.03 -14.36 -13.82
C PRO A 151 -38.78 -12.91 -13.41
N CYS A 152 -38.62 -12.73 -12.12
CA CYS A 152 -38.37 -11.41 -11.55
C CYS A 152 -37.56 -11.63 -10.28
N ILE A 153 -36.93 -10.57 -9.80
CA ILE A 153 -36.14 -10.73 -8.60
C ILE A 153 -36.66 -9.75 -7.58
N VAL A 154 -36.81 -10.20 -6.36
CA VAL A 154 -37.26 -9.29 -5.31
C VAL A 154 -36.10 -8.95 -4.37
N LYS A 155 -36.03 -7.68 -3.96
CA LYS A 155 -35.01 -7.28 -3.02
C LYS A 155 -35.52 -6.21 -2.06
N PRO A 156 -35.05 -6.32 -0.83
CA PRO A 156 -35.36 -5.35 0.18
C PRO A 156 -34.80 -4.02 -0.32
N VAL A 157 -35.46 -2.89 -0.03
CA VAL A 157 -34.98 -1.59 -0.51
C VAL A 157 -33.70 -1.13 0.17
N MET A 158 -33.48 -1.65 1.39
CA MET A 158 -32.29 -1.32 2.13
C MET A 158 -31.52 -2.57 2.40
N SER A 159 -30.79 -3.01 1.38
CA SER A 159 -30.00 -4.22 1.49
C SER A 159 -28.79 -4.19 0.59
N SER A 160 -27.90 -5.10 0.86
CA SER A 160 -26.69 -5.24 0.12
C SER A 160 -26.22 -6.68 0.18
N SER A 161 -25.27 -6.97 -0.68
CA SER A 161 -24.67 -8.28 -0.77
C SER A 161 -25.66 -9.43 -0.91
N GLY A 162 -26.77 -9.15 -1.58
CA GLY A 162 -27.80 -10.15 -1.85
C GLY A 162 -28.71 -10.57 -0.69
N LYS A 163 -28.57 -9.92 0.46
CA LYS A 163 -29.40 -10.21 1.62
C LYS A 163 -30.90 -10.01 1.33
N GLY A 164 -31.68 -11.07 1.57
CA GLY A 164 -33.14 -11.09 1.40
C GLY A 164 -33.64 -11.13 -0.04
N GLN A 165 -32.77 -11.49 -0.98
CA GLN A 165 -33.09 -11.51 -2.40
C GLN A 165 -33.47 -12.88 -2.96
N THR A 166 -34.52 -12.91 -3.77
CA THR A 166 -35.03 -14.14 -4.38
C THR A 166 -35.24 -14.03 -5.87
N PHE A 167 -34.68 -15.00 -6.58
CA PHE A 167 -34.87 -15.03 -7.99
C PHE A 167 -36.17 -15.78 -8.19
N ILE A 168 -37.25 -15.05 -8.52
CA ILE A 168 -38.59 -15.63 -8.67
C ILE A 168 -38.98 -16.13 -10.06
N ARG A 169 -39.20 -17.44 -10.14
CA ARG A 169 -39.59 -18.05 -11.41
C ARG A 169 -41.07 -18.37 -11.52
N SER A 170 -41.73 -18.62 -10.39
CA SER A 170 -43.16 -18.95 -10.38
C SER A 170 -43.84 -18.51 -9.09
N ALA A 171 -45.17 -18.42 -9.18
CA ALA A 171 -46.01 -18.00 -8.07
C ALA A 171 -45.83 -18.84 -6.82
N GLU A 172 -45.34 -20.01 -7.06
CA GLU A 172 -45.10 -20.92 -5.99
C GLU A 172 -44.17 -20.36 -4.94
N GLN A 173 -43.12 -19.64 -5.37
CA GLN A 173 -42.13 -19.10 -4.44
C GLN A 173 -42.52 -17.79 -3.79
N LEU A 174 -43.68 -17.26 -4.21
CA LEU A 174 -44.18 -15.99 -3.72
C LEU A 174 -44.15 -15.80 -2.23
N ALA A 175 -44.68 -16.81 -1.55
CA ALA A 175 -44.75 -16.77 -0.10
C ALA A 175 -43.40 -16.61 0.57
N GLN A 176 -42.52 -17.54 0.25
CA GLN A 176 -41.18 -17.58 0.77
C GLN A 176 -40.38 -16.32 0.37
N ALA A 177 -40.48 -15.96 -0.91
CA ALA A 177 -39.78 -14.77 -1.37
C ALA A 177 -40.07 -13.55 -0.50
N TRP A 178 -41.36 -13.32 -0.21
CA TRP A 178 -41.82 -12.22 0.62
C TRP A 178 -41.26 -12.29 2.04
N LYS A 179 -41.37 -13.47 2.64
CA LYS A 179 -40.88 -13.65 3.99
C LYS A 179 -39.42 -13.31 4.06
N TYR A 180 -38.69 -13.99 3.21
CA TYR A 180 -37.27 -13.82 3.13
C TYR A 180 -36.83 -12.36 2.99
N ALA A 181 -37.51 -11.67 2.13
CA ALA A 181 -37.19 -10.29 1.91
C ALA A 181 -37.46 -9.44 3.15
N GLN A 182 -38.43 -9.88 3.93
CA GLN A 182 -38.88 -9.19 5.14
C GLN A 182 -37.85 -9.31 6.25
N GLN A 183 -37.15 -10.40 6.11
CA GLN A 183 -36.09 -10.79 6.98
C GLN A 183 -34.90 -9.86 6.81
N GLY A 184 -34.68 -9.42 5.55
CA GLY A 184 -33.61 -8.51 5.16
C GLY A 184 -34.03 -7.04 5.33
N GLY A 185 -33.20 -6.28 6.04
CA GLY A 185 -33.42 -4.86 6.32
C GLY A 185 -33.82 -4.58 7.76
N ARG A 186 -34.06 -3.26 7.94
CA ARG A 186 -34.52 -2.50 9.11
C ARG A 186 -35.51 -3.21 10.02
N ALA A 187 -35.98 -4.41 9.56
CA ALA A 187 -36.95 -5.38 10.12
C ALA A 187 -37.64 -4.93 11.41
N GLY A 190 -39.23 -4.08 5.61
CA GLY A 190 -40.52 -3.58 5.13
C GLY A 190 -40.73 -3.52 3.60
N ARG A 191 -40.32 -2.41 2.98
CA ARG A 191 -40.47 -2.19 1.55
C ARG A 191 -39.46 -2.99 0.71
N VAL A 192 -39.93 -3.40 -0.46
CA VAL A 192 -39.14 -4.16 -1.40
C VAL A 192 -39.21 -3.61 -2.83
N ILE A 193 -38.27 -4.07 -3.68
CA ILE A 193 -38.29 -3.72 -5.08
C ILE A 193 -38.52 -5.06 -5.77
N VAL A 194 -39.27 -5.03 -6.86
CA VAL A 194 -39.52 -6.20 -7.68
C VAL A 194 -38.98 -5.79 -9.05
N GLU A 195 -37.89 -6.45 -9.48
CA GLU A 195 -37.33 -6.09 -10.78
C GLU A 195 -37.50 -7.17 -11.84
N GLY A 196 -37.76 -6.75 -13.04
CA GLY A 196 -37.82 -7.71 -14.12
C GLY A 196 -36.37 -8.16 -14.36
N VAL A 197 -36.19 -9.42 -14.83
CA VAL A 197 -34.88 -10.03 -15.11
C VAL A 197 -34.26 -9.53 -16.41
N VAL A 198 -33.09 -8.95 -16.31
CA VAL A 198 -32.43 -8.47 -17.50
C VAL A 198 -31.56 -9.63 -18.00
N LYS A 199 -31.65 -9.96 -19.28
CA LYS A 199 -30.76 -11.01 -19.67
C LYS A 199 -29.60 -10.39 -20.39
N PHE A 200 -28.52 -10.29 -19.66
CA PHE A 200 -27.36 -9.66 -20.23
C PHE A 200 -26.35 -10.66 -20.72
N ASP A 201 -25.49 -10.17 -21.59
CA ASP A 201 -24.42 -11.03 -22.08
C ASP A 201 -23.49 -11.22 -20.90
N PHE A 202 -23.19 -10.11 -20.24
CA PHE A 202 -22.31 -10.08 -19.08
C PHE A 202 -22.56 -8.80 -18.27
N GLU A 203 -22.04 -8.76 -17.04
CA GLU A 203 -22.13 -7.57 -16.21
C GLU A 203 -20.76 -6.93 -15.91
N ILE A 204 -20.77 -5.62 -15.67
CA ILE A 204 -19.54 -4.93 -15.35
C ILE A 204 -19.74 -3.92 -14.26
N THR A 205 -18.61 -3.48 -13.77
CA THR A 205 -18.55 -2.40 -12.80
C THR A 205 -17.65 -1.39 -13.45
N LEU A 206 -18.16 -0.22 -13.75
CA LEU A 206 -17.37 0.80 -14.38
C LEU A 206 -16.92 1.75 -13.28
N LEU A 207 -15.66 1.66 -12.88
CA LEU A 207 -15.12 2.51 -11.82
C LEU A 207 -14.87 3.92 -12.39
N THR A 208 -15.71 4.84 -11.93
CA THR A 208 -15.74 6.22 -12.41
C THR A 208 -15.29 7.19 -11.35
N VAL A 209 -14.34 8.05 -11.73
CA VAL A 209 -13.80 9.02 -10.84
C VAL A 209 -14.20 10.42 -11.23
N SER A 210 -14.84 11.13 -10.28
CA SER A 210 -15.25 12.51 -10.44
C SER A 210 -14.23 13.31 -9.62
N ALA A 211 -13.47 14.13 -10.32
CA ALA A 211 -12.43 14.88 -9.66
C ALA A 211 -12.36 16.30 -10.18
N VAL A 212 -11.43 17.03 -9.57
CA VAL A 212 -11.24 18.42 -9.93
C VAL A 212 -11.00 18.60 -11.42
N ASP A 213 -10.39 17.60 -12.03
CA ASP A 213 -10.09 17.71 -13.45
C ASP A 213 -11.01 16.90 -14.33
N GLY A 214 -12.25 16.70 -13.87
CA GLY A 214 -13.25 15.96 -14.63
C GLY A 214 -13.53 14.54 -14.15
N VAL A 215 -14.23 13.86 -15.04
CA VAL A 215 -14.65 12.48 -14.85
C VAL A 215 -13.73 11.54 -15.65
N HIS A 216 -13.18 10.59 -14.96
CA HIS A 216 -12.26 9.64 -15.53
C HIS A 216 -12.82 8.25 -15.42
N PHE A 217 -12.44 7.33 -16.31
CA PHE A 217 -12.97 5.99 -16.19
C PHE A 217 -11.89 4.97 -16.10
N CYS A 218 -12.05 3.96 -15.24
CA CYS A 218 -11.09 2.89 -15.23
C CYS A 218 -11.53 1.92 -16.33
N ALA A 219 -10.65 1.00 -16.73
CA ALA A 219 -11.07 0.05 -17.74
C ALA A 219 -12.21 -0.83 -17.13
N PRO A 220 -13.19 -1.27 -17.96
CA PRO A 220 -14.30 -2.05 -17.46
C PRO A 220 -13.89 -3.26 -16.69
N VAL A 221 -14.59 -3.49 -15.57
CA VAL A 221 -14.34 -4.64 -14.70
C VAL A 221 -15.48 -5.62 -14.85
N GLY A 222 -15.19 -6.88 -15.16
CA GLY A 222 -16.21 -7.91 -15.27
C GLY A 222 -16.23 -8.68 -13.96
N HIS A 223 -17.37 -9.27 -13.63
CA HIS A 223 -17.46 -10.05 -12.40
C HIS A 223 -18.44 -11.19 -12.50
N ARG A 224 -18.20 -12.14 -11.61
CA ARG A 224 -18.95 -13.37 -11.46
C ARG A 224 -19.49 -13.42 -10.02
N GLN A 225 -20.84 -13.51 -9.96
CA GLN A 225 -21.64 -13.56 -8.74
C GLN A 225 -22.03 -14.99 -8.38
N GLU A 226 -22.11 -15.23 -7.10
CA GLU A 226 -22.51 -16.52 -6.67
C GLU A 226 -23.20 -16.33 -5.36
N ASP A 227 -24.49 -16.45 -5.44
CA ASP A 227 -25.33 -16.30 -4.29
C ASP A 227 -25.09 -15.09 -3.39
N GLY A 228 -25.31 -13.90 -3.97
CA GLY A 228 -25.18 -12.61 -3.29
C GLY A 228 -23.77 -12.04 -3.18
N ASP A 229 -22.77 -12.81 -3.57
CA ASP A 229 -21.41 -12.35 -3.47
C ASP A 229 -20.65 -12.48 -4.77
N TYR A 230 -19.76 -11.52 -5.01
CA TYR A 230 -18.92 -11.58 -6.16
C TYR A 230 -17.91 -12.63 -5.78
N ARG A 231 -17.48 -13.40 -6.76
CA ARG A 231 -16.55 -14.46 -6.49
C ARG A 231 -15.22 -14.16 -7.17
N GLU A 232 -15.33 -13.62 -8.37
CA GLU A 232 -14.19 -13.27 -9.14
C GLU A 232 -14.53 -12.00 -9.89
N SER A 233 -13.48 -11.24 -10.24
CA SER A 233 -13.56 -10.03 -11.02
C SER A 233 -12.32 -9.99 -11.90
N TRP A 234 -12.41 -9.30 -13.02
CA TRP A 234 -11.28 -9.25 -13.92
C TRP A 234 -11.30 -7.97 -14.70
N GLN A 235 -10.17 -7.60 -15.27
CA GLN A 235 -10.06 -6.37 -16.05
C GLN A 235 -8.90 -6.49 -17.02
N PRO A 236 -9.10 -6.01 -18.22
CA PRO A 236 -10.34 -5.43 -18.65
C PRO A 236 -11.37 -6.44 -19.15
N GLN A 237 -12.63 -6.02 -19.13
CA GLN A 237 -13.70 -6.81 -19.67
C GLN A 237 -13.86 -6.29 -21.09
N GLN A 238 -13.72 -7.17 -22.07
CA GLN A 238 -13.87 -6.83 -23.48
C GLN A 238 -15.34 -6.36 -23.74
N MET A 239 -15.51 -5.27 -24.50
CA MET A 239 -16.83 -4.71 -24.84
C MET A 239 -16.71 -3.96 -26.16
N SER A 240 -17.78 -3.91 -26.94
CA SER A 240 -17.70 -3.16 -28.19
C SER A 240 -17.42 -1.69 -27.92
N PRO A 241 -16.95 -0.97 -28.93
CA PRO A 241 -16.68 0.44 -28.78
C PRO A 241 -17.96 1.22 -28.40
N LEU A 242 -19.06 0.87 -29.08
CA LEU A 242 -20.38 1.46 -28.87
C LEU A 242 -20.88 1.27 -27.46
N ALA A 243 -20.73 0.04 -26.96
CA ALA A 243 -21.15 -0.30 -25.61
C ALA A 243 -20.32 0.45 -24.61
N LEU A 244 -18.98 0.51 -24.84
CA LEU A 244 -18.16 1.24 -23.89
C LEU A 244 -18.59 2.70 -23.86
N GLU A 245 -18.79 3.30 -25.01
CA GLU A 245 -19.20 4.68 -25.05
C GLU A 245 -20.55 4.91 -24.28
N ARG A 246 -21.55 4.06 -24.50
CA ARG A 246 -22.82 4.20 -23.83
C ARG A 246 -22.64 3.99 -22.34
N ALA A 247 -21.77 3.06 -21.99
CA ALA A 247 -21.47 2.77 -20.59
C ALA A 247 -20.87 4.00 -19.93
N GLN A 248 -19.95 4.63 -20.63
CA GLN A 248 -19.32 5.78 -20.05
C GLN A 248 -20.29 6.95 -19.92
N GLU A 249 -21.20 7.07 -20.91
CA GLU A 249 -22.18 8.13 -20.96
C GLU A 249 -23.07 7.98 -19.74
N ILE A 250 -23.53 6.75 -19.50
CA ILE A 250 -24.38 6.46 -18.34
C ILE A 250 -23.62 6.76 -17.05
N ALA A 251 -22.43 6.22 -16.91
CA ALA A 251 -21.71 6.46 -15.68
C ALA A 251 -21.43 7.94 -15.38
N ARG A 252 -21.09 8.70 -16.42
CA ARG A 252 -20.81 10.12 -16.25
C ARG A 252 -22.04 10.84 -15.67
N LYS A 253 -23.17 10.61 -16.34
CA LYS A 253 -24.42 11.21 -15.92
C LYS A 253 -24.77 10.87 -14.46
N VAL A 254 -24.65 9.61 -14.09
CA VAL A 254 -24.99 9.21 -12.76
C VAL A 254 -24.11 9.86 -11.72
N VAL A 255 -22.78 9.82 -11.92
CA VAL A 255 -21.88 10.39 -10.95
C VAL A 255 -22.06 11.88 -10.79
N LEU A 256 -22.24 12.56 -11.89
CA LEU A 256 -22.41 14.00 -11.83
C LEU A 256 -23.75 14.28 -11.16
N ALA A 257 -24.75 13.49 -11.45
CA ALA A 257 -26.01 13.73 -10.79
C ALA A 257 -25.89 13.54 -9.29
N LEU A 258 -25.23 12.49 -8.86
CA LEU A 258 -25.07 12.23 -7.45
C LEU A 258 -24.25 13.33 -6.78
N GLY A 259 -23.30 13.88 -7.55
CA GLY A 259 -22.44 14.95 -7.12
C GLY A 259 -21.30 14.60 -6.14
N GLY A 260 -20.32 15.52 -6.17
CA GLY A 260 -19.12 15.52 -5.35
C GLY A 260 -17.96 14.73 -5.92
N TYR A 261 -16.76 14.95 -5.36
CA TYR A 261 -15.57 14.22 -5.84
C TYR A 261 -15.37 12.86 -5.12
N GLY A 262 -14.99 11.84 -5.90
CA GLY A 262 -14.71 10.52 -5.36
C GLY A 262 -14.79 9.48 -6.47
N LEU A 263 -14.53 8.23 -6.11
CA LEU A 263 -14.64 7.12 -7.07
C LEU A 263 -15.97 6.41 -6.82
N PHE A 264 -16.68 6.16 -7.89
CA PHE A 264 -17.95 5.49 -7.79
C PHE A 264 -17.89 4.17 -8.55
N GLY A 265 -18.62 3.16 -8.03
CA GLY A 265 -18.73 1.80 -8.60
C GLY A 265 -20.06 1.67 -9.35
N VAL A 266 -20.06 2.03 -10.64
CA VAL A 266 -21.23 1.98 -11.52
C VAL A 266 -21.53 0.55 -12.05
N GLU A 267 -22.55 -0.13 -11.52
CA GLU A 267 -22.94 -1.48 -11.94
C GLU A 267 -23.81 -1.41 -13.19
N LEU A 268 -23.38 -2.10 -14.28
CA LEU A 268 -24.07 -2.13 -15.58
C LEU A 268 -24.25 -3.55 -16.10
N PHE A 269 -25.24 -3.69 -16.99
CA PHE A 269 -25.50 -4.96 -17.63
C PHE A 269 -25.31 -4.67 -19.08
N VAL A 270 -24.58 -5.57 -19.78
CA VAL A 270 -24.31 -5.36 -21.19
C VAL A 270 -24.98 -6.41 -22.05
N CYS A 271 -25.65 -5.93 -23.08
CA CYS A 271 -26.36 -6.76 -24.05
C CYS A 271 -25.85 -6.37 -25.42
N GLY A 272 -24.74 -6.99 -25.85
CA GLY A 272 -24.15 -6.64 -27.16
C GLY A 272 -23.66 -5.21 -27.10
N ASP A 273 -24.30 -4.32 -27.90
CA ASP A 273 -23.94 -2.91 -27.89
C ASP A 273 -24.81 -2.09 -26.92
N GLU A 274 -25.78 -2.71 -26.26
CA GLU A 274 -26.65 -1.99 -25.34
C GLU A 274 -26.18 -2.07 -23.89
N VAL A 275 -26.39 -1.01 -23.13
CA VAL A 275 -26.00 -0.95 -21.72
C VAL A 275 -27.19 -0.58 -20.80
N ILE A 276 -27.32 -1.29 -19.69
CA ILE A 276 -28.40 -1.06 -18.76
C ILE A 276 -27.87 -0.81 -17.37
N PHE A 277 -28.32 0.30 -16.76
CA PHE A 277 -27.91 0.69 -15.42
C PHE A 277 -28.54 -0.20 -14.38
N SER A 278 -27.77 -0.64 -13.38
CA SER A 278 -28.27 -1.49 -12.32
C SER A 278 -28.32 -0.71 -11.01
N GLU A 279 -27.16 -0.36 -10.48
CA GLU A 279 -27.02 0.37 -9.24
C GLU A 279 -25.64 1.02 -9.20
N VAL A 280 -25.26 1.70 -8.10
CA VAL A 280 -23.96 2.38 -7.99
C VAL A 280 -23.48 2.55 -6.57
N SER A 281 -22.19 2.28 -6.35
CA SER A 281 -21.62 2.48 -5.03
C SER A 281 -20.99 3.87 -5.09
N PRO A 282 -21.35 4.80 -4.18
CA PRO A 282 -20.79 6.16 -4.23
C PRO A 282 -19.46 6.13 -3.47
N ARG A 283 -18.64 5.16 -3.86
CA ARG A 283 -17.36 4.88 -3.24
C ARG A 283 -16.74 3.65 -3.92
N PRO A 284 -15.53 3.23 -3.47
CA PRO A 284 -14.88 2.03 -3.99
C PRO A 284 -15.81 0.86 -3.89
N HIS A 285 -15.74 -0.02 -4.91
CA HIS A 285 -16.55 -1.23 -5.11
C HIS A 285 -15.78 -2.54 -4.81
N ASP A 286 -16.43 -3.53 -4.20
CA ASP A 286 -15.69 -4.75 -3.87
C ASP A 286 -15.04 -5.41 -5.09
N THR A 287 -15.77 -5.40 -6.20
CA THR A 287 -15.23 -5.98 -7.43
C THR A 287 -13.96 -5.27 -7.91
N GLY A 288 -13.80 -4.00 -7.54
CA GLY A 288 -12.69 -3.16 -7.93
C GLY A 288 -11.41 -3.49 -7.22
N MET A 289 -11.46 -4.47 -6.36
CA MET A 289 -10.25 -4.87 -5.62
C MET A 289 -9.16 -5.41 -6.60
N VAL A 290 -9.58 -5.74 -7.82
CA VAL A 290 -8.65 -6.25 -8.83
C VAL A 290 -7.62 -5.14 -9.16
N THR A 291 -8.05 -3.88 -8.95
CA THR A 291 -7.24 -2.69 -9.21
C THR A 291 -6.08 -2.60 -8.23
N LEU A 292 -6.11 -3.42 -7.20
CA LEU A 292 -4.99 -3.47 -6.28
C LEU A 292 -3.76 -4.07 -7.00
N ILE A 293 -3.97 -4.75 -8.15
CA ILE A 293 -2.87 -5.35 -8.88
C ILE A 293 -2.84 -4.83 -10.30
N SER A 294 -3.99 -4.52 -10.86
CA SER A 294 -4.06 -4.12 -12.24
C SER A 294 -3.83 -2.69 -12.65
N GLN A 295 -3.67 -1.76 -11.69
CA GLN A 295 -3.45 -0.36 -12.07
C GLN A 295 -2.32 0.28 -11.26
N ASP A 296 -1.85 1.45 -11.74
CA ASP A 296 -0.81 2.18 -11.03
C ASP A 296 -1.45 2.73 -9.75
N LEU A 297 -2.67 3.26 -9.89
CA LEU A 297 -3.45 3.80 -8.75
C LEU A 297 -4.66 2.92 -8.48
N SER A 298 -4.73 2.28 -7.32
CA SER A 298 -5.89 1.42 -7.05
C SER A 298 -7.14 2.27 -7.02
N GLU A 299 -8.31 1.63 -6.97
CA GLU A 299 -9.56 2.40 -6.87
C GLU A 299 -9.54 3.19 -5.55
N PHE A 300 -8.85 2.62 -4.56
CA PHE A 300 -8.69 3.27 -3.26
C PHE A 300 -7.82 4.53 -3.32
N ALA A 301 -6.67 4.46 -4.04
CA ALA A 301 -5.78 5.59 -4.22
C ALA A 301 -6.54 6.66 -4.98
N LEU A 302 -7.31 6.19 -5.96
CA LEU A 302 -8.09 7.10 -6.77
C LEU A 302 -9.17 7.88 -6.00
N HIS A 303 -9.86 7.17 -5.13
CA HIS A 303 -10.92 7.79 -4.33
C HIS A 303 -10.30 8.91 -3.47
N VAL A 304 -9.21 8.56 -2.79
CA VAL A 304 -8.43 9.48 -1.94
C VAL A 304 -7.94 10.69 -2.73
N ARG A 305 -7.38 10.43 -3.89
CA ARG A 305 -6.89 11.52 -4.72
C ARG A 305 -8.01 12.51 -5.09
N ALA A 306 -9.15 11.95 -5.51
CA ALA A 306 -10.30 12.75 -5.92
C ALA A 306 -10.94 13.59 -4.80
N PHE A 307 -11.19 12.94 -3.69
CA PHE A 307 -11.82 13.61 -2.56
C PHE A 307 -10.96 14.66 -1.90
N LEU A 308 -9.62 14.55 -1.96
CA LEU A 308 -8.71 15.59 -1.41
C LEU A 308 -8.67 16.82 -2.33
N GLY A 309 -9.28 16.71 -3.49
CA GLY A 309 -9.32 17.83 -4.42
C GLY A 309 -8.18 17.86 -5.44
N LEU A 310 -7.38 16.79 -5.48
CA LEU A 310 -6.26 16.68 -6.40
C LEU A 310 -6.72 16.17 -7.76
N PRO A 311 -6.04 16.56 -8.84
CA PRO A 311 -6.45 16.09 -10.15
C PRO A 311 -6.01 14.63 -10.35
N VAL A 312 -6.83 13.88 -11.08
CA VAL A 312 -6.45 12.50 -11.32
C VAL A 312 -5.39 12.40 -12.43
N GLY A 313 -5.58 13.20 -13.49
CA GLY A 313 -4.66 13.18 -14.63
C GLY A 313 -4.89 11.96 -15.52
N GLY A 314 -4.72 10.77 -14.96
CA GLY A 314 -4.94 9.59 -15.78
C GLY A 314 -4.63 8.32 -15.02
N ILE A 315 -5.14 7.21 -15.58
CA ILE A 315 -5.02 5.92 -14.96
C ILE A 315 -4.37 4.89 -15.85
N ARG A 316 -3.34 4.27 -15.31
CA ARG A 316 -2.64 3.24 -16.05
C ARG A 316 -3.16 1.83 -15.71
N GLN A 317 -3.45 1.04 -16.76
CA GLN A 317 -3.93 -0.34 -16.58
C GLN A 317 -2.77 -1.24 -17.08
N TYR A 318 -2.31 -2.14 -16.26
CA TYR A 318 -1.15 -2.94 -16.65
C TYR A 318 -1.34 -4.18 -17.53
N GLY A 319 -2.58 -4.49 -17.92
CA GLY A 319 -2.88 -5.70 -18.74
C GLY A 319 -3.84 -6.66 -17.98
N PRO A 320 -4.15 -7.81 -18.56
CA PRO A 320 -5.07 -8.74 -17.94
C PRO A 320 -4.85 -9.13 -16.48
N ALA A 321 -5.92 -8.97 -15.69
CA ALA A 321 -5.86 -9.25 -14.26
C ALA A 321 -7.21 -9.70 -13.70
N ALA A 322 -7.14 -10.34 -12.53
CA ALA A 322 -8.33 -10.84 -11.86
C ALA A 322 -8.15 -10.91 -10.37
N SER A 323 -9.27 -11.00 -9.64
CA SER A 323 -9.26 -11.17 -8.21
C SER A 323 -10.17 -12.36 -7.95
N ALA A 324 -9.96 -13.02 -6.84
CA ALA A 324 -10.76 -14.16 -6.43
C ALA A 324 -10.91 -14.11 -4.91
N VAL A 325 -12.13 -14.12 -4.39
CA VAL A 325 -12.28 -14.04 -2.94
C VAL A 325 -11.86 -15.27 -2.17
N ILE A 326 -11.43 -15.03 -0.94
CA ILE A 326 -11.10 -16.06 -0.01
C ILE A 326 -12.30 -15.95 0.93
N LEU A 327 -13.29 -16.81 0.68
CA LEU A 327 -14.57 -16.81 1.37
C LEU A 327 -14.92 -18.11 2.06
N PRO A 328 -14.26 -18.38 3.20
CA PRO A 328 -14.46 -19.58 3.97
C PRO A 328 -15.81 -19.61 4.70
N GLN A 329 -16.08 -20.76 5.30
CA GLN A 329 -17.30 -20.92 6.04
C GLN A 329 -17.00 -21.68 7.29
N LEU A 330 -16.90 -20.95 8.38
CA LEU A 330 -16.60 -21.52 9.66
C LEU A 330 -16.99 -20.53 10.75
N THR A 331 -16.79 -20.94 11.98
CA THR A 331 -17.10 -20.10 13.11
C THR A 331 -15.90 -20.12 13.95
N SER A 332 -15.28 -18.94 14.06
CA SER A 332 -14.06 -18.84 14.82
C SER A 332 -13.72 -17.42 15.17
N GLN A 333 -12.93 -17.32 16.22
CA GLN A 333 -12.45 -16.05 16.71
C GLN A 333 -10.94 -16.06 16.70
N ASN A 334 -10.35 -17.04 16.01
CA ASN A 334 -8.89 -17.16 15.93
C ASN A 334 -8.48 -17.86 14.64
N VAL A 335 -8.89 -17.26 13.52
CA VAL A 335 -8.65 -17.75 12.20
C VAL A 335 -7.16 -17.75 11.81
N THR A 336 -6.74 -18.85 11.17
CA THR A 336 -5.39 -19.03 10.67
C THR A 336 -5.44 -19.40 9.21
N PHE A 337 -4.35 -19.06 8.52
CA PHE A 337 -4.23 -19.30 7.13
C PHE A 337 -2.94 -20.04 6.80
N ASP A 338 -3.08 -21.31 6.42
CA ASP A 338 -1.91 -22.13 6.09
C ASP A 338 -1.73 -22.33 4.59
N ASN A 339 -0.62 -22.96 4.20
CA ASN A 339 -0.39 -23.19 2.78
C ASN A 339 -0.23 -21.89 1.97
N VAL A 340 0.09 -20.80 2.66
CA VAL A 340 0.27 -19.50 2.00
C VAL A 340 1.38 -19.52 0.93
N GLN A 341 2.37 -20.40 1.12
CA GLN A 341 3.51 -20.54 0.19
C GLN A 341 3.06 -21.01 -1.18
N ASN A 342 1.84 -21.54 -1.22
CA ASN A 342 1.25 -22.00 -2.45
C ASN A 342 0.16 -21.11 -2.99
N ALA A 343 -0.03 -19.93 -2.38
CA ALA A 343 -1.03 -18.96 -2.81
C ALA A 343 -0.44 -17.69 -3.41
N VAL A 344 0.88 -17.56 -3.31
CA VAL A 344 1.54 -16.40 -3.86
C VAL A 344 2.73 -16.85 -4.72
N GLY A 345 3.16 -16.00 -5.63
CA GLY A 345 4.32 -16.28 -6.49
C GLY A 345 4.40 -15.28 -7.64
N ALA A 346 4.95 -15.74 -8.77
CA ALA A 346 5.05 -14.84 -9.90
C ALA A 346 3.65 -14.42 -10.35
N ASP A 347 3.44 -13.12 -10.45
CA ASP A 347 2.20 -12.49 -10.88
C ASP A 347 1.00 -12.96 -10.12
N LEU A 348 1.22 -13.24 -8.87
CA LEU A 348 0.26 -13.78 -7.95
C LEU A 348 0.48 -13.26 -6.54
N GLN A 349 -0.60 -12.67 -5.97
CA GLN A 349 -0.57 -12.13 -4.62
C GLN A 349 -1.85 -12.39 -3.86
N ILE A 350 -1.77 -12.16 -2.57
CA ILE A 350 -2.94 -12.27 -1.74
C ILE A 350 -3.02 -11.06 -0.80
N ARG A 351 -4.19 -10.88 -0.19
CA ARG A 351 -4.48 -9.87 0.83
C ARG A 351 -5.32 -10.62 1.87
N LEU A 352 -4.92 -10.53 3.15
CA LEU A 352 -5.66 -11.13 4.28
C LEU A 352 -6.09 -9.92 5.11
N PHE A 353 -7.37 -9.72 5.23
CA PHE A 353 -7.90 -8.55 5.86
C PHE A 353 -7.71 -8.25 7.35
N GLY A 354 -7.39 -9.25 8.16
CA GLY A 354 -7.25 -9.07 9.61
C GLY A 354 -8.62 -9.10 10.36
N LYS A 355 -9.72 -9.55 9.72
CA LYS A 355 -11.07 -9.61 10.37
C LYS A 355 -10.95 -10.48 11.61
N PRO A 356 -11.38 -9.95 12.78
CA PRO A 356 -11.26 -10.63 14.06
C PRO A 356 -12.04 -11.94 14.24
N GLU A 357 -13.10 -12.13 13.45
CA GLU A 357 -13.85 -13.36 13.59
C GLU A 357 -14.81 -13.68 12.44
N ILE A 358 -15.36 -14.91 12.46
CA ILE A 358 -16.27 -15.36 11.44
C ILE A 358 -17.28 -16.29 12.07
N ASP A 359 -18.48 -16.24 11.53
CA ASP A 359 -19.56 -17.09 12.02
C ASP A 359 -20.40 -17.41 10.81
N GLY A 360 -19.86 -18.34 10.00
CA GLY A 360 -20.43 -18.78 8.75
C GLY A 360 -19.50 -18.30 7.64
N SER A 361 -20.10 -17.80 6.54
CA SER A 361 -19.42 -17.28 5.37
C SER A 361 -19.09 -15.80 5.51
N ARG A 362 -17.83 -15.47 5.26
CA ARG A 362 -17.36 -14.11 5.35
C ARG A 362 -16.12 -13.96 4.47
N ARG A 363 -16.02 -12.83 3.76
CA ARG A 363 -14.88 -12.56 2.90
C ARG A 363 -13.69 -12.20 3.79
N LEU A 364 -12.76 -13.15 3.96
CA LEU A 364 -11.60 -12.91 4.82
C LEU A 364 -10.34 -12.44 4.06
N GLY A 365 -10.34 -12.47 2.74
CA GLY A 365 -9.16 -12.04 2.00
C GLY A 365 -9.46 -12.12 0.52
N VAL A 366 -8.42 -11.93 -0.29
CA VAL A 366 -8.57 -11.99 -1.73
C VAL A 366 -7.26 -12.37 -2.42
N ALA A 367 -7.34 -13.16 -3.47
CA ALA A 367 -6.15 -13.56 -4.24
C ALA A 367 -6.15 -12.68 -5.49
N LEU A 368 -4.96 -12.25 -5.94
CA LEU A 368 -4.87 -11.37 -7.11
C LEU A 368 -3.83 -11.97 -8.09
N ALA A 369 -4.09 -11.84 -9.37
CA ALA A 369 -3.17 -12.36 -10.38
C ALA A 369 -3.23 -11.60 -11.69
N THR A 370 -2.11 -11.63 -12.45
CA THR A 370 -2.05 -11.04 -13.78
C THR A 370 -1.67 -12.18 -14.74
N ALA A 371 -1.97 -11.98 -16.00
CA ALA A 371 -1.70 -13.01 -17.01
C ALA A 371 -1.79 -12.41 -18.36
N GLU A 372 -1.66 -13.24 -19.41
CA GLU A 372 -1.74 -12.70 -20.76
C GLU A 372 -3.13 -12.56 -21.28
N SER A 373 -4.09 -13.10 -20.52
CA SER A 373 -5.52 -13.00 -20.86
C SER A 373 -6.34 -13.03 -19.55
N VAL A 374 -7.56 -12.45 -19.55
CA VAL A 374 -8.37 -12.52 -18.32
C VAL A 374 -8.67 -13.96 -17.91
N VAL A 375 -8.88 -14.81 -18.91
CA VAL A 375 -9.15 -16.22 -18.65
C VAL A 375 -8.10 -16.86 -17.78
N ASP A 376 -6.82 -16.65 -18.19
CA ASP A 376 -5.70 -17.19 -17.44
C ASP A 376 -5.58 -16.58 -16.04
N ALA A 377 -5.76 -15.25 -15.92
CA ALA A 377 -5.68 -14.53 -14.63
C ALA A 377 -6.71 -15.07 -13.61
N ILE A 378 -7.94 -15.23 -14.12
CA ILE A 378 -9.05 -15.75 -13.32
C ILE A 378 -8.74 -17.12 -12.73
N GLU A 379 -8.22 -18.00 -13.59
CA GLU A 379 -7.84 -19.31 -13.10
C GLU A 379 -6.71 -19.25 -12.10
N ARG A 380 -5.71 -18.41 -12.38
CA ARG A 380 -4.58 -18.29 -11.49
C ARG A 380 -5.06 -17.77 -10.13
N ALA A 381 -5.90 -16.73 -10.22
CA ALA A 381 -6.45 -16.14 -8.99
C ALA A 381 -7.35 -17.14 -8.24
N LYS A 382 -8.26 -17.85 -8.95
CA LYS A 382 -9.13 -18.82 -8.24
C LYS A 382 -8.34 -19.89 -7.59
N HIS A 383 -7.34 -20.35 -8.32
CA HIS A 383 -6.48 -21.38 -7.82
C HIS A 383 -5.81 -21.02 -6.51
N ALA A 384 -5.16 -19.86 -6.49
CA ALA A 384 -4.45 -19.35 -5.30
C ALA A 384 -5.37 -19.23 -4.05
N ALA A 385 -6.54 -18.61 -4.26
CA ALA A 385 -7.50 -18.45 -3.17
C ALA A 385 -7.85 -19.80 -2.59
N GLY A 386 -8.03 -20.75 -3.50
CA GLY A 386 -8.37 -22.10 -3.12
C GLY A 386 -7.25 -22.80 -2.37
N GLN A 387 -6.00 -22.45 -2.64
CA GLN A 387 -4.89 -23.08 -1.96
C GLN A 387 -4.81 -22.73 -0.47
N VAL A 388 -5.27 -21.54 -0.12
CA VAL A 388 -5.24 -21.10 1.26
C VAL A 388 -6.02 -22.06 2.17
N LYS A 389 -5.35 -22.53 3.21
CA LYS A 389 -5.98 -23.43 4.13
C LYS A 389 -6.51 -22.66 5.35
N VAL A 390 -7.81 -22.39 5.35
CA VAL A 390 -8.41 -21.62 6.44
C VAL A 390 -8.80 -22.49 7.59
N GLN A 391 -8.24 -22.24 8.75
CA GLN A 391 -8.65 -23.05 9.86
C GLN A 391 -8.98 -22.16 11.02
N GLY A 392 -9.65 -22.67 12.03
CA GLY A 392 -9.95 -21.79 13.13
C GLY A 392 -10.58 -22.49 14.30
N THR B 2 3.92 -22.09 5.14
CA THR B 2 3.75 -20.83 5.85
C THR B 2 2.32 -20.67 6.36
N LEU B 3 2.24 -20.54 7.68
CA LEU B 3 1.01 -20.33 8.40
C LEU B 3 1.00 -18.93 9.03
N LEU B 4 -0.01 -18.15 8.64
CA LEU B 4 -0.19 -16.81 9.17
C LEU B 4 -1.42 -16.73 10.08
N GLY B 5 -1.31 -16.15 11.27
CA GLY B 5 -2.49 -16.00 12.11
C GLY B 5 -3.25 -14.70 11.73
N THR B 6 -4.17 -14.25 12.60
CA THR B 6 -4.91 -13.02 12.32
C THR B 6 -4.42 -11.97 13.33
N ALA B 7 -4.00 -10.81 12.84
CA ALA B 7 -3.47 -9.73 13.69
C ALA B 7 -4.40 -9.46 14.85
N LEU B 8 -3.85 -9.27 16.07
CA LEU B 8 -4.68 -8.99 17.25
C LEU B 8 -5.34 -10.22 17.88
N ARG B 9 -5.33 -11.35 17.17
CA ARG B 9 -5.90 -12.59 17.65
C ARG B 9 -4.81 -13.41 18.31
N PRO B 10 -5.20 -14.40 19.11
CA PRO B 10 -4.23 -15.20 19.83
C PRO B 10 -3.18 -15.89 18.95
N ALA B 11 -3.58 -16.29 17.75
CA ALA B 11 -2.57 -16.95 16.96
C ALA B 11 -1.93 -15.98 16.01
N ALA B 12 -2.04 -14.70 16.26
CA ALA B 12 -1.45 -13.71 15.35
C ALA B 12 0.04 -13.93 15.06
N THR B 13 0.47 -13.53 13.87
CA THR B 13 1.88 -13.59 13.49
C THR B 13 2.39 -12.18 13.76
N ARG B 14 3.44 -12.06 14.60
CA ARG B 14 3.99 -10.77 14.98
C ARG B 14 5.36 -10.40 14.44
N VAL B 15 5.39 -9.21 13.86
CA VAL B 15 6.56 -8.59 13.27
C VAL B 15 6.94 -7.34 14.08
N MET B 16 8.17 -7.30 14.58
CA MET B 16 8.67 -6.15 15.30
C MET B 16 9.67 -5.38 14.41
N LEU B 17 9.37 -4.09 14.14
CA LEU B 17 10.19 -3.22 13.33
C LEU B 17 11.09 -2.40 14.24
N LEU B 18 12.42 -2.51 14.07
CA LEU B 18 13.42 -1.78 14.84
C LEU B 18 13.87 -0.68 13.91
N GLY B 19 13.21 0.47 14.01
CA GLY B 19 13.42 1.61 13.13
C GLY B 19 12.09 1.81 12.37
N SER B 20 11.46 2.95 12.61
CA SER B 20 10.15 3.32 12.05
C SER B 20 10.10 4.49 11.10
N GLY B 21 11.09 4.64 10.25
CA GLY B 21 11.09 5.67 9.26
C GLY B 21 10.27 5.20 8.04
N GLU B 22 10.37 5.98 6.97
CA GLU B 22 9.65 5.79 5.72
C GLU B 22 9.81 4.43 5.07
N LEU B 23 10.93 3.83 5.32
CA LEU B 23 11.18 2.52 4.77
C LEU B 23 10.39 1.52 5.59
N GLY B 24 10.52 1.64 6.93
CA GLY B 24 9.78 0.78 7.85
C GLY B 24 8.26 0.98 7.63
N LYS B 25 7.89 2.22 7.32
CA LYS B 25 6.49 2.54 7.06
C LYS B 25 5.87 1.66 5.96
N GLU B 26 6.60 1.51 4.85
CA GLU B 26 6.11 0.68 3.78
C GLU B 26 6.15 -0.83 4.13
N VAL B 27 7.11 -1.25 4.91
CA VAL B 27 7.15 -2.66 5.28
C VAL B 27 5.93 -2.97 6.15
N ALA B 28 5.61 -2.01 7.02
CA ALA B 28 4.48 -2.13 7.92
C ALA B 28 3.19 -2.29 7.10
N ILE B 29 3.02 -1.43 6.10
CA ILE B 29 1.86 -1.49 5.22
C ILE B 29 1.79 -2.88 4.60
N GLU B 30 2.93 -3.38 4.10
CA GLU B 30 2.91 -4.71 3.45
C GLU B 30 2.56 -5.81 4.44
N CYS B 31 3.01 -5.70 5.68
CA CYS B 31 2.64 -6.71 6.67
C CYS B 31 1.13 -6.65 6.95
N GLN B 32 0.62 -5.42 7.07
CA GLN B 32 -0.79 -5.16 7.33
C GLN B 32 -1.68 -5.75 6.27
N ARG B 33 -1.22 -5.64 5.01
CA ARG B 33 -1.96 -6.19 3.89
C ARG B 33 -2.18 -7.71 3.95
N LEU B 34 -1.37 -8.39 4.73
CA LEU B 34 -1.45 -9.84 4.94
C LEU B 34 -1.97 -10.16 6.35
N GLY B 35 -2.54 -9.15 7.03
CA GLY B 35 -3.07 -9.40 8.37
C GLY B 35 -2.04 -9.71 9.45
N VAL B 36 -0.78 -9.33 9.20
CA VAL B 36 0.31 -9.57 10.16
C VAL B 36 0.30 -8.41 11.20
N GLU B 37 0.51 -8.81 12.45
CA GLU B 37 0.53 -7.90 13.58
C GLU B 37 1.84 -7.14 13.59
N VAL B 38 1.79 -5.79 13.60
CA VAL B 38 2.98 -4.95 13.56
C VAL B 38 3.21 -4.11 14.82
N ILE B 39 4.41 -4.26 15.36
CA ILE B 39 4.87 -3.50 16.52
C ILE B 39 6.02 -2.62 15.99
N ALA B 40 5.84 -1.29 15.95
CA ALA B 40 6.87 -0.37 15.43
C ALA B 40 7.67 0.26 16.57
N VAL B 41 8.98 0.06 16.53
CA VAL B 41 9.89 0.57 17.54
C VAL B 41 10.83 1.63 16.96
N ASP B 42 11.12 2.68 17.74
CA ASP B 42 12.01 3.77 17.35
C ASP B 42 12.48 4.57 18.57
N ARG B 43 13.38 5.53 18.34
CA ARG B 43 13.91 6.33 19.43
C ARG B 43 13.15 7.63 19.69
N TYR B 44 12.12 7.90 18.88
CA TYR B 44 11.28 9.07 19.01
C TYR B 44 9.83 8.69 18.73
N ALA B 45 8.88 9.39 19.34
CA ALA B 45 7.47 9.08 19.17
C ALA B 45 6.90 9.54 17.84
N ASP B 46 5.86 8.81 17.39
CA ASP B 46 5.22 9.14 16.15
C ASP B 46 6.07 9.04 14.89
N ALA B 47 7.03 8.11 14.90
CA ALA B 47 7.84 7.88 13.71
C ALA B 47 6.89 7.37 12.63
N PRO B 48 7.14 7.68 11.35
CA PRO B 48 6.29 7.23 10.27
C PRO B 48 5.69 5.80 10.36
N ALA B 49 6.49 4.76 10.63
CA ALA B 49 5.97 3.40 10.70
C ALA B 49 4.99 3.22 11.84
N MET B 50 5.13 4.04 12.85
CA MET B 50 4.22 3.92 13.98
C MET B 50 2.78 4.29 13.60
N HIS B 51 2.64 5.18 12.61
CA HIS B 51 1.32 5.61 12.17
C HIS B 51 0.48 4.48 11.66
N VAL B 52 1.15 3.53 11.05
CA VAL B 52 0.48 2.39 10.43
C VAL B 52 0.70 1.08 11.14
N ALA B 53 1.21 1.14 12.35
CA ALA B 53 1.43 -0.08 13.09
C ALA B 53 0.25 -0.36 14.01
N HIS B 54 0.22 -1.54 14.66
CA HIS B 54 -0.83 -1.89 15.59
C HIS B 54 -0.54 -1.17 16.88
N ARG B 55 0.74 -1.19 17.23
CA ARG B 55 1.25 -0.55 18.42
C ARG B 55 2.72 -0.18 18.27
N SER B 56 3.23 0.63 19.20
CA SER B 56 4.59 1.11 19.15
C SER B 56 5.23 1.31 20.49
N HIS B 57 6.56 1.40 20.43
CA HIS B 57 7.41 1.63 21.57
C HIS B 57 8.54 2.55 21.18
N VAL B 58 8.89 3.44 22.12
CA VAL B 58 9.98 4.41 21.97
C VAL B 58 11.08 3.94 22.90
N ILE B 59 12.22 3.54 22.36
CA ILE B 59 13.30 3.08 23.23
C ILE B 59 14.62 3.49 22.66
N ASN B 60 15.67 3.23 23.46
CA ASN B 60 17.01 3.49 23.00
C ASN B 60 17.52 2.19 22.39
N MET B 61 17.33 2.08 21.08
CA MET B 61 17.69 0.89 20.34
C MET B 61 19.13 0.45 20.46
N LEU B 62 19.96 1.34 21.00
CA LEU B 62 21.34 0.99 21.16
C LEU B 62 21.56 0.30 22.49
N ASP B 63 20.54 0.39 23.36
CA ASP B 63 20.57 -0.25 24.65
C ASP B 63 20.00 -1.66 24.56
N GLY B 64 20.89 -2.66 24.60
CA GLY B 64 20.50 -4.05 24.51
C GLY B 64 19.49 -4.45 25.55
N ASP B 65 19.68 -3.96 26.77
CA ASP B 65 18.74 -4.32 27.79
C ASP B 65 17.34 -3.88 27.42
N ALA B 66 17.27 -2.65 26.92
CA ALA B 66 16.02 -2.03 26.47
C ALA B 66 15.41 -2.91 25.40
N LEU B 67 16.27 -3.27 24.44
CA LEU B 67 15.88 -4.12 23.34
C LEU B 67 15.30 -5.44 23.82
N ARG B 68 16.03 -6.09 24.69
CA ARG B 68 15.59 -7.35 25.20
C ARG B 68 14.25 -7.23 25.86
N ARG B 69 14.07 -6.15 26.61
CA ARG B 69 12.83 -5.93 27.33
C ARG B 69 11.65 -5.76 26.43
N VAL B 70 11.82 -5.00 25.35
CA VAL B 70 10.72 -4.79 24.42
C VAL B 70 10.39 -6.06 23.65
N VAL B 71 11.44 -6.75 23.24
CA VAL B 71 11.25 -7.99 22.55
C VAL B 71 10.53 -8.99 23.44
N GLU B 72 11.06 -9.17 24.65
CA GLU B 72 10.47 -10.12 25.57
C GLU B 72 9.01 -9.81 25.87
N LEU B 73 8.71 -8.53 25.90
CA LEU B 73 7.37 -8.09 26.15
C LEU B 73 6.43 -8.47 25.02
N GLU B 74 6.84 -8.17 23.78
CA GLU B 74 6.04 -8.41 22.60
C GLU B 74 6.12 -9.79 21.97
N LYS B 75 7.15 -10.55 22.30
CA LYS B 75 7.36 -11.89 21.75
C LYS B 75 7.09 -11.94 20.26
N PRO B 76 7.89 -11.23 19.47
CA PRO B 76 7.65 -11.20 18.04
C PRO B 76 8.15 -12.45 17.36
N HIS B 77 7.58 -12.73 16.21
CA HIS B 77 8.01 -13.89 15.45
C HIS B 77 9.14 -13.45 14.56
N TYR B 78 9.17 -12.16 14.28
CA TYR B 78 10.19 -11.58 13.44
C TYR B 78 10.64 -10.22 13.96
N ILE B 79 11.93 -9.99 13.88
CA ILE B 79 12.54 -8.74 14.29
C ILE B 79 13.18 -8.20 13.03
N VAL B 80 12.67 -7.06 12.57
CA VAL B 80 13.11 -6.46 11.34
C VAL B 80 13.74 -5.07 11.50
N PRO B 81 15.07 -4.97 11.36
CA PRO B 81 15.72 -3.68 11.50
C PRO B 81 15.58 -2.84 10.25
N GLU B 82 15.52 -1.53 10.46
CA GLU B 82 15.44 -0.57 9.37
C GLU B 82 16.82 0.14 9.19
N ILE B 83 17.61 0.17 10.28
CA ILE B 83 18.88 0.87 10.33
C ILE B 83 19.99 0.08 10.99
N GLU B 84 21.20 0.61 10.79
CA GLU B 84 22.44 0.06 11.32
C GLU B 84 22.54 0.19 12.85
N ALA B 85 22.18 1.39 13.35
CA ALA B 85 22.24 1.78 14.77
C ALA B 85 21.32 1.02 15.72
N ILE B 86 21.72 -0.21 16.01
CA ILE B 86 21.01 -1.08 16.93
C ILE B 86 22.05 -1.90 17.68
N ALA B 87 21.66 -2.44 18.83
CA ALA B 87 22.53 -3.29 19.62
C ALA B 87 22.57 -4.67 18.97
N THR B 88 23.33 -4.79 17.89
CA THR B 88 23.41 -6.05 17.18
C THR B 88 23.87 -7.22 18.00
N ASP B 89 24.49 -6.94 19.15
CA ASP B 89 24.97 -8.01 20.01
C ASP B 89 23.80 -8.71 20.67
N MET B 90 22.84 -7.89 21.04
CA MET B 90 21.64 -8.40 21.65
C MET B 90 20.86 -9.20 20.58
N LEU B 91 20.97 -8.72 19.35
CA LEU B 91 20.31 -9.39 18.26
C LEU B 91 20.85 -10.80 18.18
N ILE B 92 22.16 -10.89 18.25
CA ILE B 92 22.82 -12.19 18.22
C ILE B 92 22.32 -13.11 19.33
N GLN B 93 22.28 -12.56 20.53
CA GLN B 93 21.83 -13.29 21.67
C GLN B 93 20.43 -13.81 21.47
N LEU B 94 19.54 -12.86 21.22
CA LEU B 94 18.15 -13.19 21.02
C LEU B 94 17.94 -14.25 19.95
N GLU B 95 18.70 -14.16 18.84
CA GLU B 95 18.59 -15.14 17.77
C GLU B 95 18.94 -16.54 18.29
N GLU B 96 19.99 -16.58 19.08
CA GLU B 96 20.50 -17.77 19.73
C GLU B 96 19.42 -18.32 20.62
N GLU B 97 18.58 -17.42 21.11
CA GLU B 97 17.47 -17.78 21.96
C GLU B 97 16.26 -18.23 21.14
N GLY B 98 16.41 -18.13 19.83
CA GLY B 98 15.34 -18.55 18.98
C GLY B 98 14.52 -17.43 18.40
N LEU B 99 15.04 -16.21 18.41
CA LEU B 99 14.26 -15.17 17.79
C LEU B 99 14.67 -15.13 16.34
N ASN B 100 13.74 -14.75 15.46
CA ASN B 100 14.06 -14.65 14.06
C ASN B 100 14.34 -13.22 13.76
N VAL B 101 15.60 -12.98 13.44
CA VAL B 101 16.11 -11.69 13.06
C VAL B 101 16.24 -11.70 11.53
N VAL B 102 15.64 -10.71 10.90
CA VAL B 102 15.66 -10.57 9.45
C VAL B 102 16.80 -9.69 9.00
N PRO B 103 17.66 -10.20 8.08
CA PRO B 103 17.62 -11.55 7.46
C PRO B 103 18.23 -12.63 8.33
N CYS B 104 19.20 -12.22 9.14
CA CYS B 104 19.89 -13.03 10.14
C CYS B 104 20.72 -12.11 11.01
N ALA B 105 20.96 -12.46 12.25
CA ALA B 105 21.70 -11.53 13.08
C ALA B 105 23.13 -11.29 12.60
N ARG B 106 23.73 -12.32 12.02
CA ARG B 106 25.08 -12.24 11.50
C ARG B 106 25.14 -11.20 10.41
N ALA B 107 24.19 -11.30 9.48
CA ALA B 107 24.15 -10.30 8.41
C ALA B 107 24.10 -8.87 8.99
N THR B 108 23.37 -8.66 10.08
CA THR B 108 23.27 -7.31 10.65
C THR B 108 24.58 -6.85 11.23
N LYS B 109 25.18 -7.69 12.08
CA LYS B 109 26.46 -7.36 12.67
C LYS B 109 27.53 -6.99 11.61
N LEU B 110 27.77 -7.87 10.63
CA LEU B 110 28.77 -7.66 9.57
C LEU B 110 28.68 -6.35 8.79
N THR B 111 27.45 -5.89 8.62
CA THR B 111 27.21 -4.70 7.83
C THR B 111 27.21 -3.42 8.64
N MET B 112 27.11 -3.54 9.97
CA MET B 112 27.07 -2.33 10.77
C MET B 112 28.47 -1.82 11.03
N ASN B 113 29.41 -2.67 10.63
CA ASN B 113 30.80 -2.35 10.80
C ASN B 113 31.51 -2.57 9.51
N ARG B 114 31.92 -1.46 8.89
CA ARG B 114 32.61 -1.46 7.60
C ARG B 114 33.72 -2.51 7.55
N GLU B 115 34.33 -2.69 8.70
CA GLU B 115 35.40 -3.62 8.86
C GLU B 115 34.98 -5.05 8.60
N GLY B 116 33.82 -5.43 9.09
CA GLY B 116 33.36 -6.78 8.88
C GLY B 116 33.03 -7.03 7.42
N ILE B 117 32.12 -6.24 6.90
CA ILE B 117 31.69 -6.43 5.54
C ILE B 117 32.78 -6.23 4.50
N ARG B 118 33.62 -5.25 4.73
CA ARG B 118 34.66 -4.99 3.75
C ARG B 118 35.58 -6.18 3.59
N ARG B 119 36.03 -6.65 4.74
CA ARG B 119 36.92 -7.76 4.82
C ARG B 119 36.28 -9.04 4.28
N LEU B 120 35.00 -9.24 4.57
CA LEU B 120 34.29 -10.42 4.07
C LEU B 120 34.21 -10.44 2.55
N ALA B 121 33.91 -9.30 1.98
CA ALA B 121 33.77 -9.23 0.56
C ALA B 121 35.06 -9.24 -0.22
N ALA B 122 35.99 -8.39 0.21
CA ALA B 122 37.27 -8.28 -0.47
C ALA B 122 38.10 -9.53 -0.29
N GLU B 123 38.33 -9.85 0.97
CA GLU B 123 39.13 -10.99 1.34
C GLU B 123 38.40 -12.31 1.25
N GLU B 124 37.32 -12.50 2.01
CA GLU B 124 36.68 -13.82 1.98
C GLU B 124 36.16 -14.21 0.61
N LEU B 125 35.32 -13.36 0.05
CA LEU B 125 34.74 -13.66 -1.24
C LEU B 125 35.54 -13.22 -2.43
N GLN B 126 36.66 -12.54 -2.21
CA GLN B 126 37.48 -12.15 -3.35
C GLN B 126 36.75 -11.32 -4.39
N LEU B 127 36.04 -10.29 -3.94
CA LEU B 127 35.30 -9.43 -4.84
C LEU B 127 36.02 -8.10 -5.08
N PRO B 128 35.72 -7.43 -6.23
CA PRO B 128 36.31 -6.12 -6.52
C PRO B 128 35.67 -4.98 -5.72
N THR B 129 36.51 -4.26 -4.99
CA THR B 129 36.14 -3.13 -4.16
C THR B 129 37.14 -1.99 -4.33
N SER B 130 36.92 -0.87 -3.67
CA SER B 130 37.87 0.20 -3.80
C SER B 130 39.08 -0.22 -2.97
N THR B 131 40.15 0.57 -3.03
CA THR B 131 41.34 0.28 -2.25
C THR B 131 41.06 0.79 -0.87
N TYR B 132 41.41 0.01 0.13
CA TYR B 132 41.09 0.53 1.45
C TYR B 132 42.14 0.26 2.49
N ARG B 133 41.97 0.92 3.62
CA ARG B 133 42.86 0.73 4.71
C ARG B 133 42.23 1.19 5.99
N PHE B 134 42.56 0.51 7.11
CA PHE B 134 42.04 0.87 8.41
C PHE B 134 43.09 1.55 9.27
N ALA B 135 42.77 2.74 9.71
CA ALA B 135 43.67 3.49 10.56
C ALA B 135 43.14 3.36 11.98
N ASP B 136 43.99 3.31 12.98
CA ASP B 136 43.39 3.28 14.28
C ASP B 136 43.92 4.32 15.23
N SER B 137 44.77 5.24 14.65
CA SER B 137 45.53 6.43 15.24
C SER B 137 45.68 7.50 14.15
N GLU B 138 45.63 8.80 14.48
CA GLU B 138 45.77 9.88 13.49
C GLU B 138 46.98 9.56 12.67
N SER B 139 47.99 9.14 13.42
CA SER B 139 49.24 8.74 12.86
C SER B 139 48.98 7.66 11.83
N LEU B 140 48.19 6.65 12.22
CA LEU B 140 47.88 5.62 11.24
C LEU B 140 46.99 6.18 10.14
N PHE B 141 46.01 7.04 10.54
CA PHE B 141 45.12 7.72 9.59
C PHE B 141 46.04 8.31 8.53
N ARG B 142 46.99 9.07 9.07
CA ARG B 142 48.03 9.77 8.34
C ARG B 142 48.80 8.82 7.41
N GLU B 143 49.27 7.72 7.95
CA GLU B 143 50.01 6.76 7.17
C GLU B 143 49.16 6.17 6.07
N ALA B 144 47.92 5.85 6.41
CA ALA B 144 46.98 5.25 5.49
C ALA B 144 46.63 6.12 4.29
N VAL B 145 46.31 7.38 4.53
CA VAL B 145 45.98 8.26 3.45
C VAL B 145 47.14 8.30 2.51
N ALA B 146 48.29 8.05 3.12
CA ALA B 146 49.55 8.03 2.44
C ALA B 146 49.66 6.85 1.49
N ASP B 147 49.20 5.69 1.96
CA ASP B 147 49.23 4.46 1.18
C ASP B 147 48.14 4.38 0.11
N ILE B 148 47.06 5.09 0.36
CA ILE B 148 45.96 5.11 -0.57
C ILE B 148 46.20 6.22 -1.63
N GLY B 149 46.64 7.38 -1.13
CA GLY B 149 46.96 8.54 -1.96
C GLY B 149 45.78 9.49 -2.17
N TYR B 150 45.97 10.40 -3.11
CA TYR B 150 44.91 11.33 -3.42
C TYR B 150 44.27 11.04 -4.76
N PRO B 151 42.94 11.26 -4.83
CA PRO B 151 42.22 11.76 -3.68
C PRO B 151 41.72 10.57 -2.86
N CYS B 152 41.21 10.79 -1.67
CA CYS B 152 40.75 9.64 -0.93
C CYS B 152 39.55 9.91 -0.03
N ILE B 153 38.83 8.84 0.34
CA ILE B 153 37.65 9.01 1.18
C ILE B 153 37.83 8.51 2.61
N VAL B 154 37.53 9.34 3.57
CA VAL B 154 37.69 8.81 4.89
C VAL B 154 36.34 8.62 5.56
N LYS B 155 36.18 7.44 6.15
CA LYS B 155 34.91 7.18 6.78
C LYS B 155 35.01 6.50 8.12
N PRO B 156 34.13 6.90 9.04
CA PRO B 156 34.10 6.20 10.32
C PRO B 156 33.80 4.72 9.99
N VAL B 157 34.10 3.77 10.84
CA VAL B 157 33.77 2.40 10.45
C VAL B 157 32.40 2.00 10.95
N MET B 158 31.79 2.95 11.62
CA MET B 158 30.47 2.81 12.14
C MET B 158 29.78 4.13 11.83
N SER B 159 29.63 4.37 10.48
CA SER B 159 29.03 5.55 9.83
C SER B 159 28.04 5.28 8.66
N SER B 160 27.05 6.18 8.46
CA SER B 160 26.02 6.13 7.40
C SER B 160 25.61 7.52 6.97
N SER B 161 24.77 7.60 5.92
CA SER B 161 24.28 8.85 5.37
C SER B 161 25.43 9.81 5.21
N GLY B 162 26.60 9.20 4.96
CA GLY B 162 27.85 9.90 4.79
C GLY B 162 28.37 10.58 6.08
N LYS B 163 27.74 10.30 7.23
CA LYS B 163 28.13 10.89 8.52
C LYS B 163 29.59 10.64 8.90
N GLY B 164 30.30 11.74 9.13
CA GLY B 164 31.70 11.69 9.53
C GLY B 164 32.69 11.36 8.42
N GLN B 165 32.29 11.58 7.19
CA GLN B 165 33.14 11.28 6.06
C GLN B 165 33.75 12.54 5.48
N THR B 166 34.95 12.41 4.91
CA THR B 166 35.66 13.53 4.30
C THR B 166 36.24 13.08 2.96
N PHE B 167 36.03 13.90 1.90
CA PHE B 167 36.57 13.62 0.57
C PHE B 167 37.86 14.40 0.49
N ILE B 168 38.96 13.67 0.63
CA ILE B 168 40.29 14.26 0.66
C ILE B 168 41.10 14.28 -0.62
N ARG B 169 41.42 15.50 -1.06
CA ARG B 169 42.24 15.76 -2.23
C ARG B 169 43.62 16.27 -1.79
N SER B 170 43.70 16.86 -0.58
CA SER B 170 44.95 17.41 -0.06
C SER B 170 45.23 17.25 1.45
N ALA B 171 46.52 17.11 1.74
CA ALA B 171 47.01 16.95 3.09
C ALA B 171 46.44 17.93 4.08
N GLU B 172 46.20 19.17 3.65
CA GLU B 172 45.65 20.20 4.52
C GLU B 172 44.43 19.73 5.34
N GLN B 173 43.53 19.00 4.67
CA GLN B 173 42.30 18.47 5.25
C GLN B 173 42.51 17.58 6.49
N LEU B 174 43.59 16.81 6.48
CA LEU B 174 43.95 15.88 7.55
C LEU B 174 43.73 16.24 9.03
N ALA B 175 43.83 17.51 9.41
CA ALA B 175 43.60 17.84 10.81
C ALA B 175 42.12 17.62 11.07
N GLN B 176 41.39 18.23 10.15
CA GLN B 176 39.94 18.24 10.05
C GLN B 176 39.38 16.84 9.91
N ALA B 177 39.91 16.12 8.89
CA ALA B 177 39.52 14.78 8.53
C ALA B 177 39.50 13.83 9.70
N TRP B 178 40.65 13.72 10.39
CA TRP B 178 40.71 12.83 11.53
C TRP B 178 39.71 13.18 12.64
N LYS B 179 39.38 14.46 12.80
CA LYS B 179 38.45 14.93 13.82
C LYS B 179 36.99 14.60 13.54
N TYR B 180 36.67 14.76 12.30
CA TYR B 180 35.35 14.53 11.83
C TYR B 180 34.97 13.06 11.95
N ALA B 181 35.98 12.20 11.70
CA ALA B 181 35.88 10.74 11.81
C ALA B 181 35.56 10.35 13.25
N GLN B 182 35.49 11.41 14.05
CA GLN B 182 35.21 11.43 15.47
C GLN B 182 33.91 12.18 15.77
N GLN B 183 33.51 13.08 14.86
CA GLN B 183 32.27 13.79 15.05
C GLN B 183 31.29 12.64 15.11
N GLY B 184 31.16 12.00 13.95
CA GLY B 184 30.29 10.86 13.72
C GLY B 184 30.79 9.53 14.28
N GLY B 185 29.84 8.60 14.36
CA GLY B 185 30.09 7.26 14.86
C GLY B 185 29.50 7.07 16.24
N ARG B 186 30.39 6.64 17.15
CA ARG B 186 30.09 6.37 18.54
C ARG B 186 30.48 7.52 19.46
N ALA B 187 31.60 8.20 19.12
CA ALA B 187 32.15 9.32 19.88
C ALA B 187 32.33 8.92 21.36
N GLY B 190 36.48 5.04 17.95
CA GLY B 190 37.26 6.00 17.22
C GLY B 190 38.13 5.33 16.15
N ARG B 191 37.49 4.62 15.23
CA ARG B 191 38.22 3.95 14.16
C ARG B 191 37.66 4.30 12.78
N VAL B 192 38.55 4.27 11.77
CA VAL B 192 38.20 4.61 10.41
C VAL B 192 38.72 3.69 9.29
N ILE B 193 38.21 4.02 8.11
CA ILE B 193 38.54 3.40 6.85
C ILE B 193 38.88 4.51 5.85
N VAL B 194 39.87 4.16 5.03
CA VAL B 194 40.40 5.03 4.02
C VAL B 194 40.27 4.36 2.70
N GLU B 195 39.43 4.92 1.89
CA GLU B 195 39.24 4.31 0.64
C GLU B 195 39.70 5.12 -0.54
N GLY B 196 40.18 4.35 -1.49
CA GLY B 196 40.61 4.88 -2.75
C GLY B 196 39.40 5.28 -3.58
N VAL B 197 39.46 6.48 -4.12
CA VAL B 197 38.39 7.00 -4.94
C VAL B 197 38.23 6.29 -6.28
N VAL B 198 37.03 5.72 -6.49
CA VAL B 198 36.68 5.02 -7.72
C VAL B 198 36.04 6.00 -8.71
N LYS B 199 36.53 6.02 -9.97
CA LYS B 199 35.96 6.89 -11.01
C LYS B 199 35.09 6.08 -11.95
N PHE B 200 33.86 5.91 -11.51
CA PHE B 200 32.85 5.13 -12.20
C PHE B 200 32.04 5.92 -13.21
N ASP B 201 31.37 5.17 -14.06
CA ASP B 201 30.49 5.74 -15.05
C ASP B 201 29.20 6.11 -14.37
N PHE B 202 28.75 5.25 -13.45
CA PHE B 202 27.52 5.49 -12.70
C PHE B 202 27.43 4.55 -11.53
N GLU B 203 26.54 4.86 -10.62
CA GLU B 203 26.35 4.05 -9.43
C GLU B 203 25.00 3.36 -9.48
N ILE B 204 24.93 2.14 -8.97
CA ILE B 204 23.64 1.46 -8.95
C ILE B 204 23.39 0.81 -7.63
N THR B 205 22.13 0.44 -7.48
CA THR B 205 21.68 -0.31 -6.33
C THR B 205 21.02 -1.50 -6.98
N LEU B 206 21.51 -2.69 -6.65
CA LEU B 206 20.97 -3.90 -7.21
C LEU B 206 20.17 -4.54 -6.09
N LEU B 207 18.84 -4.34 -6.16
CA LEU B 207 17.90 -4.89 -5.19
C LEU B 207 17.73 -6.38 -5.42
N THR B 208 18.33 -7.09 -4.47
CA THR B 208 18.42 -8.53 -4.49
C THR B 208 17.65 -9.19 -3.36
N VAL B 209 16.69 -10.02 -3.80
CA VAL B 209 15.86 -10.78 -2.90
C VAL B 209 16.28 -12.24 -2.72
N SER B 210 16.52 -12.61 -1.49
CA SER B 210 16.91 -13.96 -1.17
C SER B 210 15.69 -14.60 -0.48
N ALA B 211 15.10 -15.59 -1.16
CA ALA B 211 13.90 -16.25 -0.67
C ALA B 211 13.90 -17.76 -0.79
N VAL B 212 12.78 -18.32 -0.41
CA VAL B 212 12.61 -19.76 -0.48
C VAL B 212 12.89 -20.40 -1.87
N ASP B 213 12.56 -19.68 -2.96
CA ASP B 213 12.72 -20.11 -4.34
C ASP B 213 14.03 -19.54 -4.93
N GLY B 214 14.93 -19.21 -4.01
CA GLY B 214 16.22 -18.69 -4.38
C GLY B 214 16.35 -17.18 -4.43
N VAL B 215 17.38 -16.74 -5.14
CA VAL B 215 17.72 -15.33 -5.31
C VAL B 215 17.22 -14.76 -6.62
N HIS B 216 16.52 -13.62 -6.52
CA HIS B 216 16.00 -12.93 -7.69
C HIS B 216 16.44 -11.45 -7.60
N PHE B 217 16.54 -10.81 -8.75
CA PHE B 217 16.96 -9.44 -8.82
C PHE B 217 15.96 -8.49 -9.40
N CYS B 218 16.03 -7.27 -8.93
CA CYS B 218 15.23 -6.24 -9.49
C CYS B 218 16.11 -5.64 -10.56
N ALA B 219 15.50 -4.96 -11.53
CA ALA B 219 16.21 -4.26 -12.57
C ALA B 219 17.05 -3.22 -11.83
N PRO B 220 18.29 -2.99 -12.28
CA PRO B 220 19.19 -2.07 -11.62
C PRO B 220 18.65 -0.65 -11.49
N VAL B 221 18.90 -0.11 -10.31
CA VAL B 221 18.50 1.23 -9.97
C VAL B 221 19.69 2.21 -9.97
N GLY B 222 19.65 3.21 -10.81
CA GLY B 222 20.73 4.18 -10.77
C GLY B 222 20.27 5.30 -9.84
N HIS B 223 21.19 6.10 -9.36
CA HIS B 223 20.85 7.18 -8.46
C HIS B 223 21.91 8.24 -8.37
N ARG B 224 21.46 9.41 -7.94
CA ARG B 224 22.29 10.58 -7.74
C ARG B 224 22.35 10.97 -6.26
N GLN B 225 23.57 10.95 -5.72
CA GLN B 225 23.87 11.33 -4.34
C GLN B 225 24.38 12.78 -4.26
N GLU B 226 24.02 13.51 -3.19
CA GLU B 226 24.47 14.88 -3.02
C GLU B 226 24.54 15.13 -1.55
N ASP B 227 25.69 15.50 -1.06
CA ASP B 227 25.78 15.77 0.36
C ASP B 227 25.32 14.60 1.25
N GLY B 228 25.68 13.36 0.86
CA GLY B 228 25.35 12.15 1.61
C GLY B 228 23.90 11.69 1.54
N ASP B 229 23.13 12.29 0.64
CA ASP B 229 21.75 11.93 0.50
C ASP B 229 21.42 11.68 -0.94
N TYR B 230 20.70 10.59 -1.22
CA TYR B 230 20.29 10.37 -2.60
C TYR B 230 19.23 11.42 -2.89
N ARG B 231 19.20 11.91 -4.13
CA ARG B 231 18.30 12.97 -4.59
C ARG B 231 17.28 12.41 -5.58
N GLU B 232 17.81 11.67 -6.55
CA GLU B 232 17.03 10.98 -7.57
C GLU B 232 17.53 9.54 -7.73
N SER B 233 16.61 8.64 -8.13
CA SER B 233 16.82 7.22 -8.39
C SER B 233 15.96 6.87 -9.59
N TRP B 234 16.39 5.92 -10.38
CA TRP B 234 15.64 5.61 -11.56
C TRP B 234 15.86 4.16 -11.91
N GLN B 235 14.97 3.67 -12.74
CA GLN B 235 15.00 2.28 -13.16
C GLN B 235 14.30 2.11 -14.48
N PRO B 236 14.89 1.25 -15.36
CA PRO B 236 16.16 0.56 -15.12
C PRO B 236 17.34 1.40 -15.61
N GLN B 237 18.46 1.27 -14.92
CA GLN B 237 19.68 1.95 -15.30
C GLN B 237 20.26 1.09 -16.41
N GLN B 238 20.51 1.72 -17.56
CA GLN B 238 21.11 1.13 -18.76
C GLN B 238 22.51 0.59 -18.49
N MET B 239 22.69 -0.72 -18.68
CA MET B 239 23.99 -1.34 -18.47
C MET B 239 24.25 -2.42 -19.50
N SER B 240 25.52 -2.77 -19.67
CA SER B 240 25.86 -3.81 -20.59
C SER B 240 25.39 -5.13 -20.03
N PRO B 241 25.09 -6.05 -20.91
CA PRO B 241 24.68 -7.35 -20.47
C PRO B 241 25.73 -7.98 -19.63
N LEU B 242 26.97 -7.70 -20.01
CA LEU B 242 28.12 -8.22 -19.31
C LEU B 242 28.16 -7.59 -17.94
N ALA B 243 27.97 -6.26 -17.96
CA ALA B 243 27.97 -5.49 -16.74
C ALA B 243 26.92 -6.07 -15.81
N LEU B 244 25.69 -6.22 -16.30
CA LEU B 244 24.61 -6.76 -15.46
C LEU B 244 24.89 -8.12 -14.86
N GLU B 245 25.35 -8.98 -15.73
CA GLU B 245 25.69 -10.33 -15.33
C GLU B 245 26.67 -10.31 -14.18
N ARG B 246 27.67 -9.44 -14.28
CA ARG B 246 28.67 -9.35 -13.22
C ARG B 246 28.10 -8.79 -11.93
N ALA B 247 27.22 -7.83 -12.09
CA ALA B 247 26.61 -7.24 -10.95
C ALA B 247 25.78 -8.29 -10.21
N GLN B 248 25.04 -9.08 -10.98
CA GLN B 248 24.20 -10.11 -10.35
C GLN B 248 25.00 -11.13 -9.61
N GLU B 249 26.11 -11.47 -10.23
CA GLU B 249 27.01 -12.44 -9.68
C GLU B 249 27.56 -12.01 -8.35
N ILE B 250 27.95 -10.74 -8.32
CA ILE B 250 28.48 -10.19 -7.11
C ILE B 250 27.40 -10.16 -6.03
N ALA B 251 26.21 -9.64 -6.39
CA ALA B 251 25.03 -9.54 -5.47
C ALA B 251 24.68 -10.88 -4.84
N ARG B 252 24.62 -11.90 -5.71
CA ARG B 252 24.34 -13.25 -5.24
C ARG B 252 25.34 -13.79 -4.26
N LYS B 253 26.64 -13.66 -4.57
CA LYS B 253 27.63 -14.18 -3.65
C LYS B 253 27.51 -13.54 -2.30
N VAL B 254 27.35 -12.21 -2.32
CA VAL B 254 27.23 -11.41 -1.11
C VAL B 254 26.00 -11.79 -0.28
N VAL B 255 24.81 -11.78 -0.90
CA VAL B 255 23.59 -12.11 -0.12
C VAL B 255 23.63 -13.51 0.44
N LEU B 256 24.11 -14.40 -0.39
CA LEU B 256 24.21 -15.77 0.02
C LEU B 256 25.25 -15.87 1.14
N ALA B 257 26.25 -15.02 1.08
CA ALA B 257 27.26 -15.05 2.13
C ALA B 257 26.76 -14.47 3.44
N LEU B 258 25.96 -13.40 3.41
CA LEU B 258 25.45 -12.83 4.66
C LEU B 258 24.43 -13.78 5.29
N GLY B 259 23.60 -14.37 4.41
CA GLY B 259 22.60 -15.34 4.85
C GLY B 259 21.24 -14.79 5.22
N GLY B 260 20.27 -15.71 5.23
CA GLY B 260 18.87 -15.44 5.60
C GLY B 260 18.05 -14.84 4.48
N TYR B 261 16.72 -14.90 4.66
CA TYR B 261 15.80 -14.37 3.67
C TYR B 261 15.45 -12.92 3.86
N GLY B 262 15.36 -12.21 2.75
CA GLY B 262 15.00 -10.82 2.76
C GLY B 262 15.51 -10.15 1.51
N LEU B 263 15.23 -8.85 1.39
CA LEU B 263 15.68 -7.99 0.31
C LEU B 263 16.98 -7.29 0.77
N PHE B 264 17.98 -7.29 -0.11
CA PHE B 264 19.27 -6.66 0.18
C PHE B 264 19.55 -5.54 -0.81
N GLY B 265 20.14 -4.43 -0.35
CA GLY B 265 20.46 -3.31 -1.30
C GLY B 265 21.98 -3.35 -1.58
N VAL B 266 22.35 -3.93 -2.71
CA VAL B 266 23.77 -4.10 -3.06
C VAL B 266 24.25 -2.88 -3.85
N GLU B 267 25.12 -2.07 -3.21
CA GLU B 267 25.63 -0.85 -3.85
C GLU B 267 26.86 -1.18 -4.67
N LEU B 268 26.85 -0.81 -5.95
CA LEU B 268 27.96 -1.08 -6.83
C LEU B 268 28.28 0.12 -7.70
N PHE B 269 29.46 0.06 -8.29
CA PHE B 269 29.92 1.10 -9.20
C PHE B 269 30.16 0.42 -10.50
N VAL B 270 29.80 1.12 -11.58
CA VAL B 270 29.98 0.59 -12.94
C VAL B 270 30.88 1.48 -13.79
N CYS B 271 31.94 0.87 -14.34
CA CYS B 271 32.92 1.48 -15.26
C CYS B 271 32.96 0.58 -16.49
N GLY B 272 32.40 1.02 -17.61
CA GLY B 272 32.37 0.14 -18.75
C GLY B 272 31.65 -1.17 -18.41
N ASP B 273 32.30 -2.30 -18.66
CA ASP B 273 31.72 -3.62 -18.38
C ASP B 273 32.11 -4.14 -17.01
N GLU B 274 32.87 -3.33 -16.25
CA GLU B 274 33.34 -3.68 -14.91
C GLU B 274 32.48 -3.17 -13.72
N VAL B 275 32.31 -4.09 -12.78
CA VAL B 275 31.53 -3.81 -11.61
C VAL B 275 32.31 -3.94 -10.30
N ILE B 276 32.16 -2.91 -9.49
CA ILE B 276 32.81 -2.89 -8.22
C ILE B 276 31.83 -2.87 -7.05
N PHE B 277 32.05 -3.75 -6.10
CA PHE B 277 31.24 -3.80 -4.91
C PHE B 277 31.62 -2.65 -4.01
N SER B 278 30.62 -1.95 -3.47
CA SER B 278 30.87 -0.87 -2.55
C SER B 278 30.48 -1.32 -1.17
N GLU B 279 29.16 -1.59 -1.01
CA GLU B 279 28.61 -2.01 0.25
C GLU B 279 27.20 -2.57 0.03
N VAL B 280 26.59 -3.06 1.11
CA VAL B 280 25.25 -3.62 0.99
C VAL B 280 24.40 -3.44 2.23
N SER B 281 23.15 -3.12 2.02
CA SER B 281 22.20 -3.00 3.10
C SER B 281 21.42 -4.34 3.22
N PRO B 282 21.35 -4.90 4.43
CA PRO B 282 20.62 -6.14 4.62
C PRO B 282 19.14 -5.83 4.89
N ARG B 283 18.58 -4.97 4.05
CA ARG B 283 17.21 -4.59 4.15
C ARG B 283 16.92 -3.74 2.96
N PRO B 284 15.69 -3.37 2.70
CA PRO B 284 15.35 -2.42 1.63
C PRO B 284 16.22 -1.08 1.75
N HIS B 285 16.51 -0.52 0.59
CA HIS B 285 17.36 0.64 0.45
C HIS B 285 16.61 1.84 -0.05
N ASP B 286 16.93 3.00 0.52
CA ASP B 286 16.24 4.22 0.13
C ASP B 286 16.02 4.49 -1.36
N THR B 287 17.07 4.24 -2.16
CA THR B 287 17.03 4.43 -3.61
C THR B 287 15.94 3.59 -4.27
N GLY B 288 15.65 2.48 -3.58
CA GLY B 288 14.65 1.51 -3.98
C GLY B 288 13.23 2.02 -3.87
N MET B 289 13.07 3.24 -3.35
CA MET B 289 11.71 3.81 -3.26
C MET B 289 11.03 3.96 -4.62
N VAL B 290 11.82 3.97 -5.71
CA VAL B 290 11.30 4.03 -7.08
C VAL B 290 10.41 2.79 -7.35
N THR B 291 10.72 1.67 -6.70
CA THR B 291 9.96 0.41 -6.85
C THR B 291 8.49 0.49 -6.38
N LEU B 292 8.12 1.62 -5.73
CA LEU B 292 6.75 1.88 -5.29
C LEU B 292 5.88 2.19 -6.49
N ILE B 293 6.50 2.53 -7.62
CA ILE B 293 5.75 2.85 -8.81
C ILE B 293 6.21 1.98 -10.00
N SER B 294 7.46 1.52 -9.95
CA SER B 294 8.13 0.78 -11.01
C SER B 294 7.93 -0.72 -11.12
N GLN B 295 7.43 -1.35 -10.09
CA GLN B 295 7.26 -2.77 -10.13
C GLN B 295 5.92 -3.24 -9.58
N ASP B 296 5.61 -4.49 -9.89
CA ASP B 296 4.40 -5.12 -9.39
C ASP B 296 4.57 -5.28 -7.92
N LEU B 297 5.76 -5.70 -7.52
CA LEU B 297 6.13 -5.87 -6.13
C LEU B 297 7.19 -4.86 -5.71
N SER B 298 6.88 -3.97 -4.75
CA SER B 298 7.85 -2.98 -4.30
C SER B 298 8.90 -3.69 -3.45
N GLU B 299 10.04 -3.03 -3.23
CA GLU B 299 11.11 -3.66 -2.42
C GLU B 299 10.65 -4.04 -1.03
N PHE B 300 9.62 -3.32 -0.56
CA PHE B 300 9.01 -3.52 0.76
C PHE B 300 8.15 -4.77 0.74
N ALA B 301 7.38 -4.97 -0.35
CA ALA B 301 6.58 -6.17 -0.49
C ALA B 301 7.51 -7.40 -0.63
N LEU B 302 8.62 -7.18 -1.34
CA LEU B 302 9.59 -8.25 -1.57
C LEU B 302 10.24 -8.70 -0.30
N HIS B 303 10.61 -7.72 0.51
CA HIS B 303 11.23 -8.02 1.79
C HIS B 303 10.32 -8.92 2.62
N VAL B 304 9.05 -8.51 2.72
CA VAL B 304 8.05 -9.22 3.51
C VAL B 304 7.79 -10.62 2.99
N ARG B 305 7.54 -10.70 1.65
CA ARG B 305 7.32 -11.98 0.98
C ARG B 305 8.46 -12.98 1.34
N ALA B 306 9.70 -12.49 1.23
CA ALA B 306 10.88 -13.27 1.51
C ALA B 306 11.05 -13.69 2.94
N PHE B 307 10.99 -12.71 3.82
CA PHE B 307 11.17 -13.05 5.23
C PHE B 307 10.13 -13.98 5.83
N LEU B 308 8.90 -13.85 5.30
CA LEU B 308 7.81 -14.72 5.72
C LEU B 308 7.96 -16.15 5.18
N GLY B 309 8.99 -16.42 4.37
CA GLY B 309 9.23 -17.75 3.81
C GLY B 309 8.38 -18.10 2.58
N LEU B 310 7.91 -17.09 1.89
CA LEU B 310 7.12 -17.30 0.71
C LEU B 310 7.99 -17.14 -0.51
N PRO B 311 7.56 -17.74 -1.60
CA PRO B 311 8.29 -17.66 -2.85
C PRO B 311 8.05 -16.34 -3.60
N VAL B 312 9.10 -15.83 -4.25
CA VAL B 312 9.01 -14.60 -5.04
C VAL B 312 8.47 -14.87 -6.44
N GLY B 313 9.05 -15.87 -7.14
CA GLY B 313 8.61 -16.23 -8.49
C GLY B 313 9.13 -15.36 -9.64
N GLY B 314 8.86 -14.07 -9.56
CA GLY B 314 9.27 -13.14 -10.61
C GLY B 314 8.93 -11.71 -10.17
N ILE B 315 9.58 -10.76 -10.78
CA ILE B 315 9.41 -9.34 -10.49
C ILE B 315 9.16 -8.63 -11.79
N ARG B 316 8.03 -7.98 -11.91
CA ARG B 316 7.72 -7.27 -13.11
C ARG B 316 8.12 -5.80 -12.96
N GLN B 317 8.74 -5.27 -14.01
CA GLN B 317 9.19 -3.88 -14.11
C GLN B 317 8.30 -3.18 -15.13
N TYR B 318 7.72 -2.02 -14.76
CA TYR B 318 6.77 -1.33 -15.64
C TYR B 318 7.32 -0.23 -16.52
N GLY B 319 8.57 -0.38 -17.01
CA GLY B 319 9.12 0.69 -17.85
C GLY B 319 9.85 1.77 -17.05
N PRO B 320 10.39 2.75 -17.78
CA PRO B 320 11.14 3.87 -17.20
C PRO B 320 10.39 4.50 -16.05
N ALA B 321 11.07 4.56 -14.90
CA ALA B 321 10.48 5.07 -13.66
C ALA B 321 11.51 5.81 -12.83
N ALA B 322 11.04 6.73 -11.97
CA ALA B 322 11.97 7.46 -11.13
C ALA B 322 11.33 7.97 -9.83
N SER B 323 12.20 8.21 -8.84
CA SER B 323 11.88 8.80 -7.55
C SER B 323 12.73 10.07 -7.40
N ALA B 324 12.21 11.08 -6.74
CA ALA B 324 12.90 12.33 -6.47
C ALA B 324 12.44 12.77 -5.09
N VAL B 325 13.37 12.88 -4.15
CA VAL B 325 13.05 13.23 -2.78
C VAL B 325 12.49 14.64 -2.56
N ILE B 326 11.69 14.73 -1.49
CA ILE B 326 11.15 16.01 -0.97
C ILE B 326 12.05 16.19 0.26
N LEU B 327 13.09 17.03 0.09
CA LEU B 327 14.10 17.25 1.13
C LEU B 327 14.28 18.73 1.48
N PRO B 328 13.36 19.28 2.24
CA PRO B 328 13.44 20.69 2.64
C PRO B 328 14.40 20.88 3.78
N GLN B 329 14.62 22.15 4.17
CA GLN B 329 15.50 22.43 5.28
C GLN B 329 14.95 23.63 6.04
N LEU B 330 14.46 23.35 7.24
CA LEU B 330 13.86 24.39 8.09
C LEU B 330 13.63 23.79 9.45
N THR B 331 13.12 24.58 10.39
CA THR B 331 12.86 24.07 11.71
C THR B 331 11.39 24.25 11.98
N SER B 332 10.70 23.16 12.29
CA SER B 332 9.27 23.20 12.50
C SER B 332 8.76 21.93 13.15
N GLN B 333 7.62 22.07 13.85
CA GLN B 333 6.95 20.92 14.46
C GLN B 333 5.49 20.82 13.98
N ASN B 334 5.23 21.53 12.89
CA ASN B 334 3.91 21.54 12.34
C ASN B 334 3.97 21.82 10.87
N VAL B 335 4.71 20.98 10.13
CA VAL B 335 4.86 21.15 8.69
C VAL B 335 3.58 20.91 7.87
N THR B 336 3.37 21.74 6.89
CA THR B 336 2.28 21.61 5.98
C THR B 336 2.87 21.58 4.57
N PHE B 337 2.10 21.08 3.64
CA PHE B 337 2.53 20.96 2.25
C PHE B 337 1.47 21.54 1.32
N ASP B 338 1.85 22.63 0.66
CA ASP B 338 0.97 23.31 -0.27
C ASP B 338 1.30 23.04 -1.72
N ASN B 339 0.38 23.39 -2.58
CA ASN B 339 0.53 23.23 -4.02
C ASN B 339 0.67 21.77 -4.47
N VAL B 340 0.12 20.84 -3.67
CA VAL B 340 0.17 19.41 -3.92
C VAL B 340 -0.51 18.98 -5.22
N GLN B 341 -1.53 19.76 -5.62
CA GLN B 341 -2.26 19.52 -6.85
C GLN B 341 -1.32 19.60 -8.05
N ASN B 342 -0.18 20.27 -7.89
CA ASN B 342 0.75 20.37 -8.99
C ASN B 342 1.89 19.37 -8.84
N ALA B 343 1.71 18.39 -7.96
CA ALA B 343 2.73 17.37 -7.73
C ALA B 343 2.23 15.95 -8.05
N VAL B 344 0.97 15.85 -8.51
CA VAL B 344 0.33 14.58 -8.83
C VAL B 344 -0.38 14.66 -10.16
N GLY B 345 -0.59 13.52 -10.80
CA GLY B 345 -1.25 13.61 -12.10
C GLY B 345 -1.09 12.27 -12.78
N ALA B 346 -1.18 12.25 -14.09
CA ALA B 346 -0.99 10.96 -14.78
C ALA B 346 0.44 10.47 -14.57
N ASP B 347 0.59 9.19 -14.28
CA ASP B 347 1.91 8.60 -14.08
C ASP B 347 2.72 9.35 -13.04
N LEU B 348 2.07 10.00 -12.07
CA LEU B 348 2.79 10.81 -11.07
C LEU B 348 2.11 10.70 -9.70
N GLN B 349 2.86 10.30 -8.69
CA GLN B 349 2.35 10.17 -7.31
C GLN B 349 3.33 10.76 -6.30
N ILE B 350 2.85 11.07 -5.11
CA ILE B 350 3.79 11.52 -4.12
C ILE B 350 3.49 10.82 -2.81
N ARG B 351 4.47 10.74 -1.94
CA ARG B 351 4.33 10.19 -0.61
C ARG B 351 4.78 11.27 0.35
N LEU B 352 4.05 11.40 1.49
CA LEU B 352 4.34 12.35 2.59
C LEU B 352 4.36 11.45 3.81
N PHE B 353 5.54 11.33 4.44
CA PHE B 353 5.81 10.42 5.52
C PHE B 353 5.19 10.56 6.89
N GLY B 354 4.66 11.73 7.25
CA GLY B 354 4.06 11.89 8.58
C GLY B 354 5.06 12.22 9.69
N LYS B 355 6.30 12.61 9.35
CA LYS B 355 7.32 12.95 10.36
C LYS B 355 6.82 14.16 11.16
N PRO B 356 6.91 14.04 12.47
CA PRO B 356 6.43 15.02 13.42
C PRO B 356 7.13 16.36 13.42
N GLU B 357 8.42 16.36 13.12
CA GLU B 357 9.14 17.61 13.10
C GLU B 357 10.37 17.51 12.27
N ILE B 358 11.00 18.66 12.12
CA ILE B 358 12.23 18.80 11.35
C ILE B 358 13.02 19.92 11.97
N ASP B 359 14.34 19.85 11.88
CA ASP B 359 15.18 20.89 12.42
C ASP B 359 16.50 20.81 11.62
N GLY B 360 16.40 21.29 10.41
CA GLY B 360 17.51 21.21 9.52
C GLY B 360 17.02 20.48 8.27
N SER B 361 17.93 19.78 7.63
CA SER B 361 17.60 19.06 6.41
C SER B 361 17.01 17.69 6.76
N ARG B 362 15.78 17.44 6.29
CA ARG B 362 15.15 16.14 6.56
C ARG B 362 14.33 15.65 5.38
N ARG B 363 14.32 14.32 5.13
CA ARG B 363 13.53 13.79 4.02
C ARG B 363 12.09 13.65 4.49
N LEU B 364 11.20 14.50 3.96
CA LEU B 364 9.81 14.45 4.39
C LEU B 364 8.83 13.74 3.48
N GLY B 365 9.25 13.39 2.27
CA GLY B 365 8.40 12.72 1.28
C GLY B 365 9.23 12.34 0.04
N VAL B 366 8.54 11.83 -0.97
CA VAL B 366 9.16 11.43 -2.22
C VAL B 366 8.17 11.58 -3.37
N ALA B 367 8.62 11.99 -4.54
CA ALA B 367 7.79 12.08 -5.71
C ALA B 367 8.12 10.84 -6.54
N LEU B 368 7.14 10.24 -7.20
CA LEU B 368 7.31 9.03 -8.01
C LEU B 368 6.72 9.24 -9.40
N ALA B 369 7.50 8.90 -10.46
CA ALA B 369 6.99 9.08 -11.82
C ALA B 369 7.39 7.96 -12.76
N THR B 370 6.62 7.82 -13.82
CA THR B 370 6.88 6.88 -14.93
C THR B 370 6.81 7.67 -16.24
N ALA B 371 7.59 7.25 -17.21
CA ALA B 371 7.60 7.96 -18.48
C ALA B 371 8.11 7.04 -19.55
N GLU B 372 8.12 7.58 -20.76
CA GLU B 372 8.55 6.85 -21.90
C GLU B 372 10.06 6.63 -21.89
N SER B 373 10.78 7.45 -21.15
CA SER B 373 12.23 7.30 -21.05
C SER B 373 12.66 7.60 -19.64
N VAL B 374 13.78 6.99 -19.20
CA VAL B 374 14.31 7.21 -17.85
C VAL B 374 14.57 8.70 -17.60
N VAL B 375 15.04 9.38 -18.62
CA VAL B 375 15.30 10.78 -18.55
C VAL B 375 13.99 11.58 -18.31
N ASP B 376 12.97 11.27 -19.07
CA ASP B 376 11.70 11.93 -18.90
C ASP B 376 11.13 11.61 -17.54
N ALA B 377 11.32 10.37 -17.10
CA ALA B 377 10.78 9.99 -15.78
C ALA B 377 11.40 10.82 -14.65
N ILE B 378 12.74 10.98 -14.75
CA ILE B 378 13.50 11.78 -13.78
C ILE B 378 13.03 13.23 -13.74
N GLU B 379 12.80 13.86 -14.90
CA GLU B 379 12.35 15.23 -14.95
C GLU B 379 10.99 15.38 -14.32
N ARG B 380 10.15 14.42 -14.64
CA ARG B 380 8.80 14.40 -14.13
C ARG B 380 8.75 14.32 -12.64
N ALA B 381 9.54 13.41 -12.09
CA ALA B 381 9.65 13.19 -10.66
C ALA B 381 10.26 14.41 -9.97
N LYS B 382 11.35 14.97 -10.53
CA LYS B 382 12.03 16.14 -10.00
C LYS B 382 11.12 17.34 -9.96
N HIS B 383 10.46 17.58 -11.10
CA HIS B 383 9.54 18.68 -11.23
C HIS B 383 8.43 18.64 -10.17
N ALA B 384 7.79 17.47 -10.01
CA ALA B 384 6.73 17.27 -9.00
C ALA B 384 7.27 17.51 -7.58
N ALA B 385 8.44 16.95 -7.21
CA ALA B 385 8.98 17.18 -5.87
C ALA B 385 9.20 18.67 -5.64
N GLY B 386 9.59 19.37 -6.70
CA GLY B 386 9.86 20.79 -6.64
C GLY B 386 8.61 21.65 -6.56
N GLN B 387 7.47 21.12 -6.94
CA GLN B 387 6.26 21.91 -6.89
C GLN B 387 5.67 22.01 -5.49
N VAL B 388 6.00 21.03 -4.67
CA VAL B 388 5.51 20.99 -3.29
C VAL B 388 6.12 22.15 -2.45
N LYS B 389 5.28 22.97 -1.84
CA LYS B 389 5.74 24.09 -1.01
C LYS B 389 5.69 23.63 0.44
N VAL B 390 6.87 23.46 1.05
CA VAL B 390 6.94 22.98 2.44
C VAL B 390 6.98 24.17 3.38
N GLN B 391 5.91 24.31 4.16
CA GLN B 391 5.75 25.41 5.11
C GLN B 391 5.99 24.96 6.55
N GLY B 392 6.49 25.87 7.40
CA GLY B 392 6.84 25.55 8.78
C GLY B 392 5.93 26.11 9.84
#